data_4CU6
#
_entry.id   4CU6
#
_cell.length_a   116.770
_cell.length_b   116.770
_cell.length_c   220.040
_cell.angle_alpha   90.00
_cell.angle_beta   90.00
_cell.angle_gamma   90.00
#
_symmetry.space_group_name_H-M   'P 43 2 2'
#
loop_
_entity.id
_entity.type
_entity.pdbx_description
1 polymer BETA-GALACTOSIDASE
2 non-polymer 1,2-ETHANEDIOL
3 non-polymer 'SULFATE ION'
4 water water
#
_entity_poly.entity_id   1
_entity_poly.type   'polypeptide(L)'
_entity_poly.pdbx_seq_one_letter_code
;AVTNEEVNQMIEDRKVDFNQNWYFKLNANSKEAIKPDADVSTWKKLDLPYDWSIFNDFDHESPAQNEGGQLNGGEAWYRK
TFKLDEKDLKKNVRLTFDGVYMDSQVYVNGQLVGHYPNGYNQFSYDITKYLQKDGRENVIAVHAVNKQPSSRWYSGSGIY
RDVTLQVTDKVHVEKNGTTILTPKLEEQQHGKVETHVTSKIVNTDDKDHELVAEYQIVERGGHAVTGLVRTASRTLKAHE
STSLDAILEVERPKLWTVLNDKPALYELITRVYRDGQLVDAKKDLFGYRYYHWTPNEGFSLNGERIKFHGVSLHHDHGAL
GAEENYKAEYRRLKQMKEMGVNSIRTTHNPASEQTLQIAAELGLLVQEEAFDTWYGGKKPYDYGRFFEKDATHPEARKGE
KWSDFDLRTMVERGKNNPAIFMWSIGNEIGEANGDAHSLATVKRLVKVIKDVDKTRYVTMGADKFRFGNGSGGHEKIADE
LDAVGFNYSEDNYKALRAKHPKWLIYGSETSSATRTRGSYYRPERELKHSNGPERNYEQSDYGNDRVGWGKTATASWTFD
RDNAGYAGQFIWTGTDYIGEPTPWHNQNQTPVKSSYFGIVDTAGIPKHDFYLYQSQWVSVKKKPMVHLLPHWNWENKELA
SKVADSEGKIPVRAYSNASSVELFLNGKSLGLKTFNKKQTSDGRTYQEGANANELYLEWKVAYQPGTLEAIARDESGKEI
ARDKITTAGKPAAVRLIKEDHAIAADGKDLTYIYYEIVDSQGNVVPTANNLVRFQLHGQGQLVGVDNGEQASRERYKAQA
DGSWIRKAFNGKGVAIVKSTEQAGKFTLTAHSDLLKSNQVTVFTGKKEG
;
_entity_poly.pdbx_strand_id   A
#
loop_
_chem_comp.id
_chem_comp.type
_chem_comp.name
_chem_comp.formula
EDO non-polymer 1,2-ETHANEDIOL 'C2 H6 O2'
SO4 non-polymer 'SULFATE ION' 'O4 S -2'
#
# COMPACT_ATOMS: atom_id res chain seq x y z
N VAL A 2 -32.93 25.30 -6.44
CA VAL A 2 -31.60 24.71 -6.63
C VAL A 2 -31.60 23.37 -7.39
N THR A 3 -30.82 23.31 -8.45
CA THR A 3 -30.79 22.16 -9.29
C THR A 3 -29.75 21.16 -8.80
N ASN A 4 -29.97 19.90 -9.13
CA ASN A 4 -29.06 18.82 -8.79
C ASN A 4 -27.67 19.15 -9.33
N GLU A 5 -27.65 19.81 -10.49
CA GLU A 5 -26.42 20.28 -11.08
C GLU A 5 -25.65 21.18 -10.13
N GLU A 6 -26.36 22.12 -9.53
CA GLU A 6 -25.74 23.04 -8.61
C GLU A 6 -25.24 22.35 -7.35
N VAL A 7 -26.00 21.38 -6.86
CA VAL A 7 -25.62 20.63 -5.67
C VAL A 7 -24.32 19.88 -5.91
N ASN A 8 -24.18 19.31 -7.10
CA ASN A 8 -22.97 18.55 -7.42
C ASN A 8 -21.76 19.45 -7.57
N GLN A 9 -21.97 20.61 -8.18
CA GLN A 9 -20.94 21.61 -8.27
C GLN A 9 -20.49 22.05 -6.88
N MET A 10 -21.45 22.25 -5.98
CA MET A 10 -21.12 22.68 -4.63
C MET A 10 -20.25 21.64 -3.94
N ILE A 11 -20.58 20.37 -4.14
CA ILE A 11 -19.80 19.28 -3.59
C ILE A 11 -18.38 19.34 -4.09
N GLU A 12 -18.27 19.47 -5.39
CA GLU A 12 -16.98 19.52 -6.09
C GLU A 12 -16.15 20.73 -5.70
N ASP A 13 -16.78 21.88 -5.58
CA ASP A 13 -16.10 23.11 -5.16
C ASP A 13 -15.67 23.10 -3.71
N ARG A 14 -16.34 22.30 -2.90
CA ARG A 14 -16.06 22.26 -1.46
C ARG A 14 -14.61 21.90 -1.13
N LYS A 15 -14.00 21.03 -1.95
CA LYS A 15 -12.67 20.49 -1.75
C LYS A 15 -11.81 20.66 -3.01
N VAL A 16 -10.62 21.22 -2.85
CA VAL A 16 -9.68 21.36 -3.95
C VAL A 16 -8.28 20.86 -3.65
N ASP A 17 -7.54 20.63 -4.71
CA ASP A 17 -6.18 20.17 -4.65
C ASP A 17 -5.35 21.39 -4.30
N PHE A 18 -4.58 21.30 -3.22
CA PHE A 18 -3.77 22.40 -2.74
C PHE A 18 -2.27 22.13 -2.91
N ASN A 19 -1.96 21.11 -3.71
CA ASN A 19 -0.61 20.60 -3.93
C ASN A 19 0.34 21.50 -4.72
N GLN A 20 -0.25 22.35 -5.54
CA GLN A 20 0.44 23.21 -6.46
C GLN A 20 1.09 24.45 -5.88
N ASN A 21 2.16 24.89 -6.51
CA ASN A 21 2.87 26.13 -6.21
C ASN A 21 3.46 26.30 -4.80
N TRP A 22 4.21 25.31 -4.33
CA TRP A 22 4.93 25.42 -3.09
C TRP A 22 6.38 25.76 -3.37
N TYR A 23 7.05 26.27 -2.36
CA TYR A 23 8.49 26.47 -2.41
C TYR A 23 9.10 25.60 -1.34
N PHE A 24 10.24 24.98 -1.67
CA PHE A 24 10.92 24.11 -0.73
C PHE A 24 12.33 24.58 -0.52
N LYS A 25 12.77 24.51 0.72
CA LYS A 25 14.17 24.68 1.03
C LYS A 25 14.62 23.86 2.22
N LEU A 26 15.67 23.08 2.01
CA LEU A 26 16.25 22.29 3.07
C LEU A 26 17.08 23.19 3.98
N ASN A 27 16.92 22.98 5.29
CA ASN A 27 17.65 23.76 6.29
C ASN A 27 17.37 25.25 6.19
N ALA A 28 16.19 25.64 5.72
CA ALA A 28 15.91 27.05 5.54
C ALA A 28 15.76 27.76 6.87
N ASN A 29 15.92 29.09 6.81
CA ASN A 29 15.82 29.90 7.99
C ASN A 29 14.36 30.09 8.43
N SER A 30 14.07 29.71 9.67
CA SER A 30 12.70 29.70 10.20
C SER A 30 11.99 31.02 10.04
N LYS A 31 12.68 32.12 10.38
CA LYS A 31 12.08 33.46 10.32
C LYS A 31 11.77 33.91 8.90
N GLU A 32 12.62 33.54 7.95
CA GLU A 32 12.35 33.89 6.55
C GLU A 32 11.23 33.05 5.96
N ALA A 33 11.12 31.79 6.37
CA ALA A 33 10.10 30.90 5.83
C ALA A 33 8.70 31.36 6.16
N ILE A 34 8.52 31.78 7.41
CA ILE A 34 7.29 32.34 7.92
C ILE A 34 6.88 33.71 7.37
N LYS A 35 7.86 34.59 7.13
CA LYS A 35 7.62 36.03 6.93
C LYS A 35 6.85 36.34 5.64
N PRO A 36 6.17 37.48 5.60
CA PRO A 36 5.26 37.74 4.48
C PRO A 36 5.86 37.77 3.08
N ASP A 37 6.97 38.46 2.88
CA ASP A 37 7.51 38.57 1.51
C ASP A 37 8.94 38.09 1.46
N ALA A 38 9.08 36.79 1.71
CA ALA A 38 10.37 36.15 1.69
C ALA A 38 10.94 36.13 0.28
N ASP A 39 12.26 36.06 0.21
CA ASP A 39 12.98 35.90 -1.04
C ASP A 39 13.15 34.41 -1.35
N VAL A 40 12.39 33.95 -2.35
CA VAL A 40 12.29 32.52 -2.67
C VAL A 40 13.10 32.14 -3.90
N SER A 41 13.99 33.03 -4.32
CA SER A 41 14.91 32.77 -5.43
C SER A 41 15.84 31.64 -5.08
N THR A 42 16.09 31.48 -3.78
CA THR A 42 17.00 30.47 -3.28
C THR A 42 16.25 29.17 -2.90
N TRP A 43 14.93 29.20 -3.07
CA TRP A 43 14.05 28.07 -2.80
C TRP A 43 13.77 27.31 -4.09
N LYS A 44 13.26 26.09 -3.96
CA LYS A 44 12.86 25.30 -5.13
C LYS A 44 11.33 25.34 -5.31
N LYS A 45 10.87 25.74 -6.48
CA LYS A 45 9.44 25.80 -6.75
C LYS A 45 8.94 24.46 -7.26
N LEU A 46 7.90 23.93 -6.63
CA LEU A 46 7.43 22.60 -6.96
C LEU A 46 5.99 22.38 -6.61
N ASP A 47 5.46 21.26 -7.07
CA ASP A 47 4.13 20.79 -6.71
C ASP A 47 4.29 19.55 -5.84
N LEU A 48 3.51 19.49 -4.77
CA LEU A 48 3.53 18.35 -3.89
C LEU A 48 2.82 17.18 -4.58
N PRO A 49 3.02 15.95 -4.10
CA PRO A 49 3.93 15.60 -3.03
C PRO A 49 5.41 15.66 -3.41
N TYR A 50 6.24 15.88 -2.41
CA TYR A 50 7.67 15.89 -2.57
C TYR A 50 8.32 15.17 -1.40
N ASP A 51 9.06 14.11 -1.67
CA ASP A 51 9.91 13.47 -0.68
C ASP A 51 11.34 13.90 -0.97
N TRP A 52 11.95 14.64 -0.04
CA TRP A 52 13.31 15.17 -0.25
C TRP A 52 14.42 14.12 -0.09
N SER A 53 14.13 13.08 0.65
CA SER A 53 15.12 12.04 0.91
C SER A 53 15.50 11.23 -0.32
N ILE A 54 14.57 11.07 -1.25
CA ILE A 54 14.73 10.19 -2.40
C ILE A 54 15.71 10.73 -3.45
N PHE A 55 15.96 12.03 -3.41
CA PHE A 55 16.92 12.66 -4.31
C PHE A 55 18.34 12.61 -3.75
N ASN A 56 18.49 12.14 -2.51
CA ASN A 56 19.81 12.00 -1.90
C ASN A 56 20.55 10.84 -2.53
N ASP A 57 21.89 10.90 -2.46
CA ASP A 57 22.72 9.72 -2.72
C ASP A 57 22.70 8.83 -1.48
N PHE A 58 23.03 7.57 -1.67
CA PHE A 58 23.13 6.68 -0.56
C PHE A 58 24.38 7.04 0.24
N ASP A 59 24.27 6.95 1.56
CA ASP A 59 25.33 7.32 2.48
C ASP A 59 25.60 6.17 3.41
N HIS A 60 26.76 5.53 3.28
CA HIS A 60 27.14 4.42 4.17
C HIS A 60 27.20 4.86 5.65
N GLU A 61 27.35 6.17 5.86
CA GLU A 61 27.45 6.75 7.18
C GLU A 61 26.14 7.36 7.66
N SER A 62 25.05 7.09 6.95
CA SER A 62 23.74 7.64 7.29
C SER A 62 23.31 7.18 8.68
N PRO A 63 22.75 8.11 9.48
CA PRO A 63 22.14 7.79 10.76
C PRO A 63 20.91 6.85 10.65
N ALA A 64 20.27 6.81 9.48
CA ALA A 64 19.16 5.88 9.23
C ALA A 64 19.62 4.44 9.20
N GLN A 65 20.85 4.25 8.74
CA GLN A 65 21.44 2.93 8.53
C GLN A 65 20.76 2.28 7.37
N ASN A 66 21.08 1.02 7.02
CA ASN A 66 20.41 0.46 5.85
C ASN A 66 19.02 -0.05 6.17
N GLU A 67 18.67 -0.09 7.38
CA GLU A 67 17.27 -0.40 7.67
C GLU A 67 16.39 0.74 7.18
N GLY A 68 16.93 1.95 7.19
CA GLY A 68 16.22 3.16 6.72
C GLY A 68 16.55 3.57 5.30
N GLY A 69 17.28 2.70 4.60
CA GLY A 69 17.57 2.89 3.19
C GLY A 69 18.81 3.69 2.92
N GLN A 70 19.49 4.08 3.99
CA GLN A 70 20.73 4.87 3.91
C GLN A 70 20.56 6.17 3.14
N LEU A 71 19.38 6.75 3.26
CA LEU A 71 19.07 8.01 2.65
C LEU A 71 18.71 8.96 3.77
N ASN A 72 19.40 10.08 3.82
CA ASN A 72 19.34 10.97 4.96
C ASN A 72 18.10 11.84 4.99
N GLY A 73 17.82 12.38 6.16
CA GLY A 73 16.63 13.18 6.41
C GLY A 73 16.99 14.63 6.59
N GLY A 74 16.99 15.11 7.84
CA GLY A 74 17.22 16.51 8.13
C GLY A 74 15.97 17.29 8.46
N GLU A 75 15.92 18.54 8.18
CA GLU A 75 14.85 19.52 8.42
C GLU A 75 14.57 20.26 7.14
N ALA A 76 13.40 20.74 6.90
CA ALA A 76 13.12 21.60 5.76
C ALA A 76 11.83 22.37 5.95
N TRP A 77 11.67 23.41 5.13
CA TRP A 77 10.45 24.21 5.11
C TRP A 77 9.79 24.14 3.73
N TYR A 78 8.48 24.25 3.71
CA TYR A 78 7.72 24.36 2.49
C TYR A 78 6.85 25.60 2.63
N ARG A 79 6.62 26.31 1.54
CA ARG A 79 5.97 27.59 1.60
C ARG A 79 4.99 27.84 0.49
N LYS A 80 3.75 28.15 0.83
CA LYS A 80 2.75 28.53 -0.17
C LYS A 80 2.12 29.83 0.22
N THR A 81 1.85 30.66 -0.78
CA THR A 81 1.08 31.89 -0.59
C THR A 81 -0.22 31.74 -1.36
N PHE A 82 -1.34 32.15 -0.75
CA PHE A 82 -2.63 32.05 -1.44
C PHE A 82 -3.62 33.12 -1.00
N LYS A 83 -4.52 33.43 -1.92
CA LYS A 83 -5.57 34.40 -1.67
C LYS A 83 -6.92 33.71 -1.78
N LEU A 84 -7.77 33.96 -0.78
CA LEU A 84 -9.18 33.62 -0.88
C LEU A 84 -9.86 34.46 -1.95
N ASP A 85 -10.70 33.83 -2.75
CA ASP A 85 -11.56 34.57 -3.66
C ASP A 85 -12.53 35.45 -2.88
N GLU A 86 -13.08 36.43 -3.57
CA GLU A 86 -13.97 37.41 -2.95
C GLU A 86 -15.22 36.75 -2.36
N LYS A 87 -15.82 35.83 -3.13
CA LYS A 87 -16.95 35.03 -2.68
C LYS A 87 -16.66 34.28 -1.37
N ASP A 88 -15.41 33.87 -1.19
CA ASP A 88 -15.05 32.99 -0.08
C ASP A 88 -14.60 33.70 1.17
N LEU A 89 -14.73 35.02 1.23
CA LEU A 89 -14.12 35.76 2.33
C LEU A 89 -14.67 35.46 3.72
N LYS A 90 -15.97 35.21 3.82
CA LYS A 90 -16.61 34.92 5.10
C LYS A 90 -16.59 33.40 5.43
N LYS A 91 -16.00 32.61 4.54
CA LYS A 91 -16.08 31.16 4.63
C LYS A 91 -15.07 30.53 5.59
N ASN A 92 -15.39 29.36 6.08
CA ASN A 92 -14.50 28.59 6.91
C ASN A 92 -13.46 27.90 6.05
N VAL A 93 -12.22 27.92 6.50
CA VAL A 93 -11.14 27.36 5.68
C VAL A 93 -10.37 26.32 6.47
N ARG A 94 -10.32 25.10 5.91
CA ARG A 94 -9.59 24.00 6.54
C ARG A 94 -8.59 23.43 5.59
N LEU A 95 -7.44 23.11 6.15
CA LEU A 95 -6.32 22.57 5.42
C LEU A 95 -6.06 21.15 5.90
N THR A 96 -6.01 20.19 4.99
CA THR A 96 -5.79 18.78 5.37
C THR A 96 -4.47 18.28 4.80
N PHE A 97 -3.66 17.67 5.65
CA PHE A 97 -2.45 17.02 5.22
C PHE A 97 -2.63 15.52 5.38
N ASP A 98 -2.50 14.77 4.28
CA ASP A 98 -2.65 13.32 4.30
C ASP A 98 -1.51 12.60 4.98
N GLY A 99 -0.33 13.17 4.89
CA GLY A 99 0.79 12.70 5.69
C GLY A 99 2.00 13.59 5.56
N VAL A 100 2.65 13.90 6.67
CA VAL A 100 3.87 14.67 6.68
C VAL A 100 4.84 14.00 7.64
N TYR A 101 6.01 13.64 7.15
CA TYR A 101 6.97 12.94 7.97
C TYR A 101 8.10 13.88 8.30
N MET A 102 8.20 14.36 9.52
CA MET A 102 7.26 14.11 10.63
C MET A 102 7.44 15.30 11.55
N ASP A 103 6.96 15.23 12.80
CA ASP A 103 7.27 16.24 13.77
C ASP A 103 7.01 17.64 13.21
N SER A 104 5.88 17.82 12.51
CA SER A 104 5.65 19.06 11.75
C SER A 104 5.14 20.25 12.55
N GLN A 105 5.42 21.43 12.01
CA GLN A 105 4.84 22.68 12.48
C GLN A 105 4.22 23.44 11.29
N VAL A 106 3.00 23.91 11.45
CA VAL A 106 2.33 24.66 10.39
C VAL A 106 2.07 26.10 10.84
N TYR A 107 2.54 27.05 10.04
CA TYR A 107 2.44 28.46 10.38
C TYR A 107 1.59 29.10 9.33
N VAL A 108 0.66 29.94 9.74
CA VAL A 108 -0.18 30.67 8.79
C VAL A 108 -0.05 32.14 9.17
N ASN A 109 0.50 32.93 8.25
CA ASN A 109 0.78 34.35 8.49
C ASN A 109 1.56 34.63 9.76
N GLY A 110 2.58 33.81 10.01
CA GLY A 110 3.50 34.07 11.09
C GLY A 110 3.13 33.46 12.41
N GLN A 111 1.98 32.80 12.46
CA GLN A 111 1.52 32.20 13.72
C GLN A 111 1.41 30.69 13.65
N LEU A 112 1.77 30.04 14.75
CA LEU A 112 1.80 28.61 14.78
C LEU A 112 0.43 28.08 14.97
N VAL A 113 -0.13 27.48 13.94
CA VAL A 113 -1.41 26.79 14.03
C VAL A 113 -1.34 25.48 14.83
N GLY A 114 -0.33 24.67 14.57
CA GLY A 114 -0.20 23.42 15.31
C GLY A 114 1.13 22.70 15.20
N HIS A 115 1.38 21.82 16.16
CA HIS A 115 2.50 20.93 16.08
C HIS A 115 1.93 19.53 16.01
N TYR A 116 2.38 18.76 15.04
CA TYR A 116 1.86 17.41 14.85
C TYR A 116 3.00 16.40 14.71
N PRO A 117 3.21 15.58 15.74
CA PRO A 117 4.26 14.58 15.72
C PRO A 117 4.13 13.49 14.65
N ASN A 118 2.91 12.96 14.49
CA ASN A 118 2.73 11.75 13.72
C ASN A 118 3.12 11.92 12.25
N GLY A 119 3.93 10.98 11.76
CA GLY A 119 4.40 11.04 10.39
C GLY A 119 3.52 10.37 9.35
N TYR A 120 2.51 9.62 9.75
CA TYR A 120 1.66 8.94 8.79
C TYR A 120 0.19 9.28 8.90
N ASN A 121 -0.25 9.70 10.08
CA ASN A 121 -1.65 10.01 10.27
C ASN A 121 -2.05 11.31 9.63
N GLN A 122 -3.25 11.33 9.05
CA GLN A 122 -3.79 12.53 8.47
C GLN A 122 -4.15 13.57 9.55
N PHE A 123 -3.97 14.84 9.22
CA PHE A 123 -4.40 15.91 10.12
C PHE A 123 -4.83 17.12 9.34
N SER A 124 -5.70 17.91 9.95
CA SER A 124 -6.20 19.13 9.36
C SER A 124 -6.27 20.20 10.42
N TYR A 125 -6.23 21.44 9.97
CA TYR A 125 -6.38 22.57 10.83
C TYR A 125 -7.43 23.48 10.25
N ASP A 126 -8.32 23.98 11.10
CA ASP A 126 -9.14 25.13 10.74
C ASP A 126 -8.24 26.34 10.82
N ILE A 127 -7.95 26.95 9.67
CA ILE A 127 -7.04 28.08 9.67
C ILE A 127 -7.76 29.40 9.46
N THR A 128 -9.07 29.41 9.61
CA THR A 128 -9.88 30.57 9.26
C THR A 128 -9.43 31.84 9.98
N LYS A 129 -9.20 31.70 11.28
CA LYS A 129 -8.91 32.84 12.15
C LYS A 129 -7.56 33.46 11.91
N TYR A 130 -6.68 32.70 11.26
CA TYR A 130 -5.32 33.14 10.96
C TYR A 130 -5.22 33.84 9.63
N LEU A 131 -6.31 33.84 8.88
CA LEU A 131 -6.33 34.47 7.58
C LEU A 131 -6.54 35.96 7.65
N GLN A 132 -5.99 36.65 6.67
CA GLN A 132 -6.10 38.08 6.52
C GLN A 132 -7.47 38.44 6.02
N LYS A 133 -8.00 39.55 6.52
CA LYS A 133 -9.24 40.12 5.99
C LYS A 133 -8.95 40.85 4.68
N ASP A 134 -9.98 41.00 3.85
CA ASP A 134 -9.91 41.77 2.59
C ASP A 134 -9.34 40.99 1.38
N GLY A 135 -9.06 39.70 1.56
CA GLY A 135 -8.54 38.90 0.46
C GLY A 135 -7.08 39.22 0.14
N ARG A 136 -6.38 39.72 1.15
CA ARG A 136 -4.92 39.92 1.07
C ARG A 136 -4.26 38.54 1.20
N GLU A 137 -3.09 38.40 0.61
CA GLU A 137 -2.48 37.08 0.48
C GLU A 137 -2.03 36.55 1.82
N ASN A 138 -2.25 35.27 2.05
CA ASN A 138 -1.75 34.60 3.24
C ASN A 138 -0.57 33.73 2.94
N VAL A 139 0.26 33.51 3.95
CA VAL A 139 1.43 32.69 3.79
C VAL A 139 1.28 31.47 4.69
N ILE A 140 1.37 30.29 4.08
CA ILE A 140 1.41 29.02 4.81
C ILE A 140 2.81 28.47 4.73
N ALA A 141 3.39 28.17 5.88
CA ALA A 141 4.73 27.61 5.97
C ALA A 141 4.74 26.31 6.74
N VAL A 142 5.32 25.26 6.17
CA VAL A 142 5.34 23.95 6.82
C VAL A 142 6.75 23.49 7.13
N HIS A 143 6.99 23.18 8.39
CA HIS A 143 8.26 22.72 8.83
C HIS A 143 8.16 21.23 9.07
N ALA A 144 9.04 20.46 8.43
CA ALA A 144 9.08 19.00 8.59
C ALA A 144 10.46 18.57 9.08
N VAL A 145 10.50 17.66 10.03
CA VAL A 145 11.75 17.18 10.59
C VAL A 145 11.79 15.67 10.53
N ASN A 146 12.77 15.12 9.82
CA ASN A 146 13.11 13.71 9.97
C ASN A 146 14.53 13.63 10.47
N LYS A 147 14.73 13.45 11.75
CA LYS A 147 15.93 13.25 12.51
C LYS A 147 16.09 11.76 12.70
N GLN A 148 17.21 11.27 12.29
CA GLN A 148 17.38 9.85 12.22
C GLN A 148 18.28 9.32 13.32
N PRO A 149 18.01 8.12 13.81
CA PRO A 149 16.99 7.21 13.27
C PRO A 149 15.58 7.34 13.89
N SER A 150 14.61 7.47 12.98
CA SER A 150 13.21 7.53 13.32
C SER A 150 12.46 6.28 12.85
N SER A 151 13.10 5.42 12.07
CA SER A 151 12.39 4.40 11.31
C SER A 151 13.12 3.07 11.18
N ARG A 152 12.35 2.01 11.09
CA ARG A 152 12.91 0.66 10.91
C ARG A 152 12.86 0.24 9.45
N TRP A 153 12.48 1.19 8.60
CA TRP A 153 12.31 1.03 7.16
C TRP A 153 12.38 2.42 6.53
N TYR A 154 12.43 2.50 5.21
CA TYR A 154 12.44 3.82 4.58
C TYR A 154 11.15 4.63 4.79
N SER A 155 11.28 5.79 5.45
CA SER A 155 10.14 6.70 5.65
C SER A 155 9.98 7.76 4.57
N GLY A 156 11.11 8.25 4.08
CA GLY A 156 11.11 9.50 3.33
C GLY A 156 11.04 10.67 4.30
N SER A 157 10.96 11.87 3.73
CA SER A 157 10.93 13.10 4.49
C SER A 157 10.01 14.11 3.82
N GLY A 158 9.23 14.81 4.64
CA GLY A 158 8.44 15.95 4.16
C GLY A 158 7.01 15.63 3.80
N ILE A 159 6.47 16.39 2.86
CA ILE A 159 5.07 16.26 2.49
C ILE A 159 4.94 15.27 1.34
N TYR A 160 4.86 13.98 1.71
CA TYR A 160 4.87 12.87 0.75
C TYR A 160 3.46 12.49 0.28
N ARG A 161 2.44 13.04 0.91
CA ARG A 161 1.07 12.75 0.59
C ARG A 161 0.34 14.07 0.31
N ASP A 162 -0.88 13.99 -0.17
CA ASP A 162 -1.59 15.16 -0.68
C ASP A 162 -1.92 16.18 0.37
N VAL A 163 -2.06 17.42 -0.07
CA VAL A 163 -2.59 18.46 0.78
C VAL A 163 -3.84 18.98 0.11
N THR A 164 -4.90 19.14 0.88
CA THR A 164 -6.17 19.60 0.34
C THR A 164 -6.73 20.74 1.18
N LEU A 165 -7.58 21.54 0.53
CA LEU A 165 -8.23 22.70 1.13
C LEU A 165 -9.73 22.56 1.04
N GLN A 166 -10.42 22.66 2.18
CA GLN A 166 -11.88 22.69 2.20
C GLN A 166 -12.38 24.10 2.52
N VAL A 167 -13.22 24.63 1.64
CA VAL A 167 -13.76 25.98 1.84
C VAL A 167 -15.27 25.92 1.94
N THR A 168 -15.81 26.25 3.11
CA THR A 168 -17.20 25.97 3.45
C THR A 168 -17.91 27.13 4.15
N ASP A 169 -19.22 26.98 4.28
CA ASP A 169 -20.02 27.90 5.05
C ASP A 169 -19.66 27.73 6.51
N LYS A 170 -20.05 28.71 7.30
CA LYS A 170 -19.85 28.67 8.72
C LYS A 170 -20.62 27.49 9.30
N VAL A 171 -21.75 27.18 8.68
CA VAL A 171 -22.51 25.99 9.04
C VAL A 171 -22.17 24.92 8.02
N HIS A 172 -21.56 23.84 8.49
CA HIS A 172 -21.08 22.79 7.62
C HIS A 172 -20.93 21.49 8.35
N VAL A 173 -20.90 20.41 7.58
CA VAL A 173 -20.56 19.12 8.13
C VAL A 173 -19.07 19.14 8.47
N GLU A 174 -18.76 18.89 9.73
CA GLU A 174 -17.40 18.97 10.21
C GLU A 174 -16.53 17.84 9.63
N LYS A 175 -15.22 18.03 9.65
CA LYS A 175 -14.30 17.04 9.14
C LYS A 175 -14.55 15.71 9.80
N ASN A 176 -14.65 14.68 8.98
CA ASN A 176 -14.89 13.31 9.41
C ASN A 176 -16.20 13.12 10.14
N GLY A 177 -17.16 13.96 9.79
CA GLY A 177 -18.41 14.07 10.53
C GLY A 177 -19.53 13.15 10.14
N THR A 178 -19.34 12.38 9.07
CA THR A 178 -20.39 11.51 8.57
C THR A 178 -20.18 10.07 9.03
N THR A 179 -21.25 9.44 9.51
CA THR A 179 -21.21 8.03 9.88
C THR A 179 -22.33 7.32 9.16
N ILE A 180 -22.01 6.22 8.50
CA ILE A 180 -23.01 5.44 7.77
C ILE A 180 -22.98 4.02 8.29
N LEU A 181 -24.13 3.51 8.71
CA LEU A 181 -24.21 2.15 9.23
C LEU A 181 -25.34 1.38 8.56
N THR A 182 -25.16 0.07 8.52
CA THR A 182 -26.11 -0.87 7.93
C THR A 182 -26.29 -2.04 8.89
N PRO A 183 -26.94 -1.78 10.03
CA PRO A 183 -26.97 -2.72 11.15
C PRO A 183 -27.64 -4.05 10.85
N LYS A 184 -28.69 -4.05 10.02
CA LYS A 184 -29.51 -5.25 9.77
C LYS A 184 -29.35 -5.78 8.37
N LEU A 185 -28.23 -5.45 7.74
CA LEU A 185 -28.01 -5.78 6.35
C LEU A 185 -28.16 -7.25 5.99
N GLU A 186 -27.67 -8.16 6.81
CA GLU A 186 -27.77 -9.58 6.47
C GLU A 186 -29.23 -10.01 6.42
N GLU A 187 -29.97 -9.49 7.39
CA GLU A 187 -31.42 -9.67 7.50
C GLU A 187 -32.21 -9.03 6.34
N GLN A 188 -31.90 -7.77 6.01
CA GLN A 188 -32.71 -6.96 5.10
C GLN A 188 -32.28 -6.97 3.64
N GLN A 189 -31.23 -7.72 3.34
CA GLN A 189 -30.52 -7.59 2.09
C GLN A 189 -31.30 -7.89 0.82
N HIS A 190 -32.29 -8.76 0.91
CA HIS A 190 -33.12 -9.06 -0.24
C HIS A 190 -34.32 -8.12 -0.34
N GLY A 191 -34.44 -7.23 0.63
CA GLY A 191 -35.46 -6.21 0.60
C GLY A 191 -34.86 -4.83 0.73
N LYS A 192 -35.52 -3.99 1.52
CA LYS A 192 -35.06 -2.65 1.79
C LYS A 192 -34.08 -2.69 2.94
N VAL A 193 -32.90 -2.11 2.73
CA VAL A 193 -31.89 -2.10 3.75
C VAL A 193 -31.87 -0.73 4.41
N GLU A 194 -31.98 -0.69 5.73
CA GLU A 194 -31.92 0.55 6.48
C GLU A 194 -30.48 1.01 6.54
N THR A 195 -30.26 2.24 6.07
CA THR A 195 -28.97 2.85 6.12
C THR A 195 -29.04 4.00 7.10
N HIS A 196 -28.37 3.86 8.24
CA HIS A 196 -28.44 4.89 9.30
C HIS A 196 -27.35 5.89 9.10
N VAL A 197 -27.70 7.15 8.89
CA VAL A 197 -26.68 8.12 8.64
C VAL A 197 -26.65 9.13 9.73
N THR A 198 -25.45 9.54 10.10
CA THR A 198 -25.30 10.54 11.13
C THR A 198 -24.50 11.72 10.61
N SER A 199 -25.00 12.90 10.87
CA SER A 199 -24.26 14.09 10.58
C SER A 199 -24.08 14.98 11.79
N LYS A 200 -22.87 15.47 11.79
CA LYS A 200 -22.18 16.21 12.80
C LYS A 200 -21.87 17.54 12.16
N ILE A 201 -22.70 18.48 12.54
CA ILE A 201 -22.75 19.79 11.93
C ILE A 201 -22.27 20.77 12.96
N VAL A 202 -21.52 21.76 12.50
CA VAL A 202 -21.00 22.77 13.38
C VAL A 202 -21.48 24.14 12.90
N ASN A 203 -21.76 25.04 13.84
CA ASN A 203 -22.08 26.42 13.53
C ASN A 203 -20.95 27.28 13.99
N THR A 204 -20.14 27.78 13.06
CA THR A 204 -18.99 28.60 13.46
C THR A 204 -19.35 30.07 13.56
N ASP A 205 -20.60 30.39 13.22
CA ASP A 205 -21.08 31.75 13.29
C ASP A 205 -21.34 32.17 14.73
N ASP A 206 -21.43 33.49 14.92
CA ASP A 206 -21.82 34.07 16.21
C ASP A 206 -23.32 34.43 16.25
N LYS A 207 -24.05 34.02 15.22
CA LYS A 207 -25.51 34.04 15.19
C LYS A 207 -26.02 32.59 15.27
N ASP A 208 -27.16 32.42 15.89
CA ASP A 208 -27.90 31.17 15.82
C ASP A 208 -28.52 31.02 14.44
N HIS A 209 -28.52 29.80 13.93
CA HIS A 209 -29.18 29.52 12.66
C HIS A 209 -30.08 28.28 12.75
N GLU A 210 -31.03 28.21 11.82
CA GLU A 210 -31.98 27.12 11.77
C GLU A 210 -31.45 26.07 10.80
N LEU A 211 -31.44 24.83 11.26
CA LEU A 211 -30.73 23.75 10.60
C LEU A 211 -31.58 22.57 10.13
N VAL A 212 -31.38 22.20 8.89
CA VAL A 212 -31.95 20.99 8.31
C VAL A 212 -30.87 20.27 7.50
N ALA A 213 -30.90 18.95 7.54
CA ALA A 213 -30.07 18.12 6.68
C ALA A 213 -30.93 17.33 5.71
N GLU A 214 -30.47 17.23 4.48
CA GLU A 214 -31.12 16.44 3.44
C GLU A 214 -30.13 15.42 2.88
N TYR A 215 -30.56 14.16 2.80
CA TYR A 215 -29.71 13.06 2.42
C TYR A 215 -30.24 12.37 1.19
N GLN A 216 -29.36 11.93 0.31
CA GLN A 216 -29.73 11.02 -0.76
C GLN A 216 -28.61 10.03 -0.97
N ILE A 217 -28.95 8.78 -1.28
CA ILE A 217 -27.93 7.80 -1.69
C ILE A 217 -27.96 7.51 -3.17
N VAL A 218 -26.77 7.35 -3.73
CA VAL A 218 -26.58 7.00 -5.12
C VAL A 218 -25.55 5.89 -5.26
N GLU A 219 -25.65 5.14 -6.35
CA GLU A 219 -24.58 4.26 -6.72
C GLU A 219 -23.45 5.13 -7.21
N ARG A 220 -22.24 4.84 -6.74
CA ARG A 220 -21.06 5.50 -7.27
C ARG A 220 -20.92 5.25 -8.77
N GLY A 221 -20.81 6.34 -9.52
CA GLY A 221 -20.85 6.30 -10.99
C GLY A 221 -22.11 5.63 -11.49
N GLY A 222 -23.24 6.01 -10.91
CA GLY A 222 -24.50 5.32 -11.14
C GLY A 222 -25.68 6.23 -10.82
N HIS A 223 -26.83 5.60 -10.62
CA HIS A 223 -28.04 6.33 -10.33
C HIS A 223 -28.40 6.42 -8.87
N ALA A 224 -29.36 7.28 -8.59
CA ALA A 224 -29.91 7.43 -7.25
C ALA A 224 -30.64 6.16 -6.85
N VAL A 225 -30.50 5.77 -5.58
CA VAL A 225 -31.24 4.65 -5.03
C VAL A 225 -32.14 5.05 -3.87
N THR A 226 -32.28 6.35 -3.63
CA THR A 226 -33.27 6.89 -2.69
C THR A 226 -33.71 8.23 -3.21
N GLY A 227 -34.78 8.75 -2.64
CA GLY A 227 -35.16 10.13 -2.84
C GLY A 227 -34.45 10.96 -1.80
N LEU A 228 -34.94 12.18 -1.58
CA LEU A 228 -34.39 13.06 -0.56
C LEU A 228 -35.03 12.81 0.78
N VAL A 229 -34.22 12.58 1.80
CA VAL A 229 -34.70 12.32 3.14
C VAL A 229 -34.21 13.40 4.08
N ARG A 230 -35.14 14.06 4.76
CA ARG A 230 -34.91 15.33 5.46
C ARG A 230 -34.98 15.19 6.98
N THR A 231 -34.05 15.83 7.69
CA THR A 231 -34.17 15.93 9.14
C THR A 231 -35.08 17.08 9.48
N ALA A 232 -35.66 17.00 10.66
CA ALA A 232 -36.52 18.07 11.18
C ALA A 232 -35.74 19.33 11.44
N SER A 233 -36.32 20.47 11.13
CA SER A 233 -35.68 21.76 11.41
C SER A 233 -35.53 21.98 12.91
N ARG A 234 -34.36 22.42 13.30
CA ARG A 234 -34.07 22.67 14.69
C ARG A 234 -33.07 23.82 14.73
N THR A 235 -32.98 24.46 15.87
CA THR A 235 -32.02 25.54 16.03
C THR A 235 -30.66 24.96 16.40
N LEU A 236 -29.63 25.49 15.75
CA LEU A 236 -28.26 25.24 16.16
C LEU A 236 -27.70 26.56 16.65
N LYS A 237 -27.33 26.59 17.93
CA LYS A 237 -26.83 27.82 18.52
C LYS A 237 -25.45 28.19 17.96
N ALA A 238 -25.10 29.46 18.07
CA ALA A 238 -23.81 29.95 17.62
C ALA A 238 -22.70 29.25 18.40
N HIS A 239 -21.65 28.87 17.68
CA HIS A 239 -20.45 28.28 18.25
C HIS A 239 -20.69 26.93 18.82
N GLU A 240 -21.76 26.30 18.39
CA GLU A 240 -22.14 25.00 18.89
C GLU A 240 -22.20 23.97 17.75
N SER A 241 -22.18 22.70 18.13
CA SER A 241 -22.35 21.65 17.15
C SER A 241 -23.42 20.67 17.59
N THR A 242 -23.98 19.93 16.64
CA THR A 242 -25.01 18.95 16.94
C THR A 242 -24.82 17.74 16.03
N SER A 243 -25.51 16.65 16.32
CA SER A 243 -25.52 15.48 15.46
C SER A 243 -26.92 15.23 14.93
N LEU A 244 -27.03 15.16 13.62
CA LEU A 244 -28.28 14.88 12.94
C LEU A 244 -28.38 13.41 12.50
N ASP A 245 -29.59 12.89 12.42
CA ASP A 245 -29.80 11.48 12.06
C ASP A 245 -30.89 11.33 11.03
N ALA A 246 -30.78 10.27 10.22
CA ALA A 246 -31.88 9.87 9.36
C ALA A 246 -31.69 8.41 8.99
N ILE A 247 -32.75 7.75 8.57
CA ILE A 247 -32.64 6.42 8.02
C ILE A 247 -33.09 6.47 6.58
N LEU A 248 -32.30 5.89 5.69
CA LEU A 248 -32.69 5.78 4.30
C LEU A 248 -32.80 4.30 3.95
N GLU A 249 -33.73 3.99 3.06
CA GLU A 249 -33.93 2.62 2.67
C GLU A 249 -33.49 2.44 1.24
N VAL A 250 -32.60 1.48 1.03
CA VAL A 250 -32.08 1.14 -0.27
C VAL A 250 -32.46 -0.28 -0.53
N GLU A 251 -33.00 -0.51 -1.70
CA GLU A 251 -33.62 -1.77 -2.06
C GLU A 251 -32.58 -2.69 -2.71
N ARG A 252 -32.42 -3.89 -2.15
CA ARG A 252 -31.62 -4.94 -2.76
C ARG A 252 -30.28 -4.39 -3.25
N PRO A 253 -29.56 -3.68 -2.40
CA PRO A 253 -28.29 -3.10 -2.82
C PRO A 253 -27.29 -4.17 -3.18
N LYS A 254 -26.32 -3.82 -4.01
CA LYS A 254 -25.26 -4.76 -4.37
C LYS A 254 -24.17 -4.74 -3.32
N LEU A 255 -23.73 -5.91 -2.93
CA LEU A 255 -22.81 -6.02 -1.81
C LEU A 255 -21.37 -5.92 -2.25
N TRP A 256 -20.62 -5.12 -1.50
CA TRP A 256 -19.20 -4.97 -1.70
C TRP A 256 -18.54 -6.29 -1.34
N THR A 257 -17.65 -6.77 -2.20
CA THR A 257 -16.92 -7.97 -1.90
C THR A 257 -15.56 -7.93 -2.56
N VAL A 258 -14.68 -8.80 -2.10
CA VAL A 258 -13.38 -9.01 -2.72
C VAL A 258 -13.48 -10.03 -3.84
N LEU A 259 -14.65 -10.64 -4.03
CA LEU A 259 -14.83 -11.71 -5.01
C LEU A 259 -15.06 -11.22 -6.42
N ASN A 260 -15.04 -9.91 -6.61
CA ASN A 260 -14.91 -9.38 -7.96
C ASN A 260 -13.98 -8.18 -7.94
N ASP A 261 -13.49 -7.76 -9.11
CA ASP A 261 -12.46 -6.70 -9.18
C ASP A 261 -13.02 -5.30 -9.43
N LYS A 262 -14.34 -5.20 -9.50
CA LYS A 262 -15.03 -3.92 -9.54
C LYS A 262 -16.25 -3.88 -8.58
N PRO A 263 -16.01 -4.01 -7.29
CA PRO A 263 -17.10 -4.14 -6.34
C PRO A 263 -17.97 -2.93 -6.26
N ALA A 264 -19.19 -3.16 -5.82
CA ALA A 264 -20.19 -2.12 -5.72
C ALA A 264 -19.92 -1.08 -4.62
N LEU A 265 -19.95 0.19 -5.00
CA LEU A 265 -19.77 1.27 -4.07
C LEU A 265 -20.94 2.23 -4.17
N TYR A 266 -21.25 2.89 -3.06
CA TYR A 266 -22.35 3.85 -2.98
C TYR A 266 -21.83 5.13 -2.37
N GLU A 267 -22.61 6.18 -2.51
CA GLU A 267 -22.23 7.48 -1.99
C GLU A 267 -23.40 8.09 -1.29
N LEU A 268 -23.17 8.58 -0.10
CA LEU A 268 -24.17 9.37 0.56
C LEU A 268 -23.95 10.82 0.17
N ILE A 269 -25.03 11.49 -0.24
CA ILE A 269 -25.00 12.93 -0.49
C ILE A 269 -25.66 13.64 0.68
N THR A 270 -24.97 14.61 1.25
CA THR A 270 -25.52 15.40 2.33
C THR A 270 -25.68 16.82 1.88
N ARG A 271 -26.86 17.39 2.15
CA ARG A 271 -27.14 18.79 1.89
C ARG A 271 -27.45 19.46 3.20
N VAL A 272 -26.82 20.60 3.45
CA VAL A 272 -27.04 21.34 4.67
C VAL A 272 -27.68 22.68 4.37
N TYR A 273 -28.79 22.94 5.02
CA TYR A 273 -29.52 24.21 4.85
C TYR A 273 -29.31 25.08 6.06
N ARG A 274 -28.99 26.35 5.85
CA ARG A 274 -29.09 27.25 6.98
C ARG A 274 -30.16 28.29 6.72
N ASP A 275 -31.14 28.26 7.60
CA ASP A 275 -32.35 29.08 7.49
C ASP A 275 -32.97 28.86 6.12
N GLY A 276 -33.07 27.61 5.70
CA GLY A 276 -33.73 27.25 4.47
C GLY A 276 -32.95 27.48 3.18
N GLN A 277 -31.70 27.90 3.27
CA GLN A 277 -30.85 28.03 2.08
C GLN A 277 -29.78 26.97 2.09
N LEU A 278 -29.62 26.30 0.96
CA LEU A 278 -28.56 25.33 0.80
C LEU A 278 -27.21 26.01 0.98
N VAL A 279 -26.51 25.68 2.06
CA VAL A 279 -25.19 26.30 2.28
C VAL A 279 -24.01 25.34 2.23
N ASP A 280 -24.26 24.04 2.35
CA ASP A 280 -23.19 23.05 2.29
C ASP A 280 -23.64 21.78 1.61
N ALA A 281 -22.73 21.13 0.91
CA ALA A 281 -23.03 19.86 0.25
C ALA A 281 -21.79 19.01 0.13
N LYS A 282 -21.97 17.73 0.38
CA LYS A 282 -20.89 16.81 0.60
C LYS A 282 -21.24 15.41 0.06
N LYS A 283 -20.23 14.63 -0.31
CA LYS A 283 -20.46 13.22 -0.60
C LYS A 283 -19.54 12.38 0.24
N ASP A 284 -20.00 11.18 0.62
CA ASP A 284 -19.21 10.23 1.40
C ASP A 284 -19.32 8.84 0.83
N LEU A 285 -18.17 8.25 0.52
CA LEU A 285 -18.11 6.94 -0.09
C LEU A 285 -18.39 5.89 0.97
N PHE A 286 -19.13 4.84 0.58
CA PHE A 286 -19.39 3.70 1.46
C PHE A 286 -19.84 2.47 0.66
N GLY A 287 -20.06 1.36 1.35
CA GLY A 287 -20.47 0.14 0.70
C GLY A 287 -21.33 -0.72 1.60
N TYR A 288 -22.05 -1.67 1.02
CA TYR A 288 -22.86 -2.62 1.78
C TYR A 288 -22.15 -3.97 1.84
N ARG A 289 -21.64 -4.30 3.01
CA ARG A 289 -21.03 -5.58 3.21
C ARG A 289 -21.23 -6.01 4.66
N TYR A 290 -21.23 -7.31 4.89
CA TYR A 290 -21.24 -7.83 6.23
C TYR A 290 -20.25 -8.96 6.33
N TYR A 291 -19.79 -9.23 7.53
CA TYR A 291 -18.83 -10.29 7.74
C TYR A 291 -18.99 -10.93 9.12
N HIS A 292 -18.49 -12.14 9.23
CA HIS A 292 -18.54 -12.89 10.46
C HIS A 292 -17.22 -13.65 10.56
N TRP A 293 -16.87 -14.07 11.76
CA TRP A 293 -15.59 -14.74 11.99
C TRP A 293 -15.73 -15.61 13.22
N THR A 294 -15.40 -16.89 13.09
CA THR A 294 -15.48 -17.81 14.22
C THR A 294 -14.15 -18.49 14.52
N PRO A 295 -14.01 -19.03 15.78
CA PRO A 295 -12.69 -19.61 16.07
C PRO A 295 -12.28 -20.79 15.19
N ASN A 296 -13.19 -21.70 14.88
CA ASN A 296 -12.81 -22.88 14.14
C ASN A 296 -13.03 -22.84 12.65
N GLU A 297 -13.81 -21.89 12.18
CA GLU A 297 -14.15 -21.82 10.76
C GLU A 297 -13.55 -20.58 10.05
N GLY A 298 -13.00 -19.66 10.82
CA GLY A 298 -12.54 -18.39 10.30
C GLY A 298 -13.58 -17.42 9.80
N PHE A 299 -13.29 -16.85 8.65
CA PHE A 299 -13.94 -15.62 8.20
C PHE A 299 -14.90 -15.86 7.06
N SER A 300 -15.96 -15.09 7.02
CA SER A 300 -16.87 -15.08 5.89
C SER A 300 -17.28 -13.66 5.57
N LEU A 301 -17.39 -13.37 4.27
CA LEU A 301 -17.79 -12.08 3.82
C LEU A 301 -19.06 -12.28 3.05
N ASN A 302 -20.13 -11.65 3.50
CA ASN A 302 -21.44 -11.81 2.90
C ASN A 302 -21.89 -13.25 2.86
N GLY A 303 -21.56 -13.99 3.91
CA GLY A 303 -21.91 -15.38 4.00
C GLY A 303 -20.98 -16.33 3.23
N GLU A 304 -20.02 -15.83 2.46
N GLU A 304 -20.02 -15.83 2.46
CA GLU A 304 -19.01 -16.65 1.79
CA GLU A 304 -19.01 -16.65 1.79
C GLU A 304 -17.74 -16.69 2.61
C GLU A 304 -17.74 -16.69 2.61
N ARG A 305 -17.32 -17.90 2.93
CA ARG A 305 -16.12 -18.22 3.62
C ARG A 305 -14.96 -17.98 2.70
N ILE A 306 -14.01 -17.20 3.15
CA ILE A 306 -12.78 -16.95 2.45
C ILE A 306 -11.65 -17.00 3.47
N LYS A 307 -10.43 -17.10 2.98
CA LYS A 307 -9.27 -16.90 3.81
C LYS A 307 -8.67 -15.58 3.41
N PHE A 308 -7.96 -14.95 4.33
CA PHE A 308 -7.22 -13.76 3.99
C PHE A 308 -6.02 -14.23 3.21
N HIS A 309 -6.07 -14.03 1.90
CA HIS A 309 -4.87 -14.14 1.10
C HIS A 309 -4.28 -12.75 1.03
N GLY A 310 -3.41 -12.46 1.97
CA GLY A 310 -3.06 -11.07 2.22
C GLY A 310 -1.60 -10.72 2.10
N VAL A 311 -1.34 -9.43 1.92
CA VAL A 311 0.02 -8.93 1.89
C VAL A 311 0.21 -7.76 2.82
N SER A 312 1.39 -7.69 3.40
CA SER A 312 1.84 -6.52 4.14
C SER A 312 2.48 -5.58 3.14
N LEU A 313 2.17 -4.29 3.25
CA LEU A 313 2.75 -3.30 2.33
C LEU A 313 3.27 -2.07 3.06
N HIS A 314 4.46 -1.64 2.67
CA HIS A 314 4.97 -0.34 3.05
C HIS A 314 4.52 0.72 2.04
N HIS A 315 4.69 1.99 2.35
CA HIS A 315 4.03 3.07 1.63
C HIS A 315 4.67 3.55 0.33
N ASP A 316 5.94 3.89 0.40
CA ASP A 316 7.04 3.55 -0.47
C ASP A 316 6.74 3.01 -1.89
N HIS A 317 7.15 3.75 -2.91
CA HIS A 317 6.91 3.37 -4.30
C HIS A 317 8.15 3.16 -5.15
N GLY A 318 9.22 2.69 -4.52
CA GLY A 318 10.47 2.48 -5.22
C GLY A 318 11.14 3.79 -5.63
N ALA A 319 11.28 3.96 -6.93
CA ALA A 319 11.93 5.15 -7.46
C ALA A 319 11.13 6.41 -7.12
N LEU A 320 9.85 6.25 -6.81
CA LEU A 320 9.04 7.37 -6.37
C LEU A 320 9.31 7.73 -4.91
N GLY A 321 10.03 6.87 -4.20
CA GLY A 321 10.27 7.08 -2.80
C GLY A 321 8.99 7.10 -2.02
N ALA A 322 8.85 8.06 -1.11
CA ALA A 322 7.62 8.10 -0.31
C ALA A 322 6.48 8.83 -0.98
N GLU A 323 6.71 9.43 -2.13
CA GLU A 323 5.65 10.17 -2.81
C GLU A 323 4.48 9.27 -3.19
N GLU A 324 3.31 9.52 -2.59
CA GLU A 324 2.13 8.77 -2.94
C GLU A 324 1.59 9.26 -4.24
N ASN A 325 1.04 8.34 -5.00
CA ASN A 325 0.50 8.62 -6.31
C ASN A 325 -0.61 7.62 -6.59
N TYR A 326 -1.73 8.12 -7.08
CA TYR A 326 -2.88 7.27 -7.31
C TYR A 326 -2.56 6.14 -8.30
N LYS A 327 -1.98 6.48 -9.44
CA LYS A 327 -1.56 5.49 -10.43
C LYS A 327 -0.50 4.47 -9.96
N ALA A 328 0.49 4.92 -9.21
CA ALA A 328 1.48 4.01 -8.64
C ALA A 328 0.83 3.02 -7.68
N GLU A 329 -0.03 3.51 -6.78
CA GLU A 329 -0.68 2.64 -5.82
C GLU A 329 -1.70 1.73 -6.49
N TYR A 330 -2.37 2.24 -7.51
CA TYR A 330 -3.30 1.46 -8.30
C TYR A 330 -2.62 0.27 -8.98
N ARG A 331 -1.47 0.53 -9.56
CA ARG A 331 -0.70 -0.50 -10.20
C ARG A 331 -0.23 -1.57 -9.22
N ARG A 332 0.20 -1.14 -8.03
CA ARG A 332 0.67 -2.05 -7.04
C ARG A 332 -0.46 -2.93 -6.57
N LEU A 333 -1.61 -2.31 -6.34
CA LEU A 333 -2.77 -3.01 -5.76
C LEU A 333 -3.50 -3.84 -6.77
N LYS A 334 -3.55 -3.37 -8.00
CA LYS A 334 -4.15 -4.12 -9.09
C LYS A 334 -3.30 -5.38 -9.31
N GLN A 335 -2.00 -5.22 -9.29
CA GLN A 335 -1.10 -6.33 -9.40
C GLN A 335 -1.19 -7.32 -8.25
N MET A 336 -1.40 -6.83 -7.03
CA MET A 336 -1.57 -7.71 -5.89
C MET A 336 -2.80 -8.56 -6.16
N LYS A 337 -3.83 -7.88 -6.63
CA LYS A 337 -5.08 -8.54 -6.92
C LYS A 337 -5.00 -9.60 -8.08
N GLU A 338 -4.12 -9.40 -9.04
N GLU A 338 -4.15 -9.44 -9.08
CA GLU A 338 -3.89 -10.34 -10.13
CA GLU A 338 -3.96 -10.47 -10.12
C GLU A 338 -3.38 -11.70 -9.63
C GLU A 338 -3.44 -11.78 -9.58
N MET A 339 -2.68 -11.67 -8.50
CA MET A 339 -2.08 -12.79 -7.76
C MET A 339 -3.07 -13.63 -6.95
N GLY A 340 -4.26 -13.07 -6.72
CA GLY A 340 -5.25 -13.68 -5.86
C GLY A 340 -5.29 -13.08 -4.46
N VAL A 341 -4.55 -12.00 -4.24
CA VAL A 341 -4.58 -11.34 -2.96
C VAL A 341 -5.95 -10.74 -2.80
N ASN A 342 -6.57 -10.95 -1.64
CA ASN A 342 -7.80 -10.28 -1.27
C ASN A 342 -7.72 -9.28 -0.08
N SER A 343 -6.57 -8.98 0.50
CA SER A 343 -6.43 -8.38 1.81
C SER A 343 -5.05 -7.72 1.90
N ILE A 344 -4.86 -6.52 2.34
CA ILE A 344 -3.59 -5.85 2.63
C ILE A 344 -3.60 -5.35 4.08
N ARG A 345 -2.43 -5.31 4.66
CA ARG A 345 -2.22 -4.74 5.96
C ARG A 345 -1.33 -3.53 5.75
N THR A 346 -1.71 -2.36 6.26
CA THR A 346 -0.89 -1.17 6.04
C THR A 346 0.17 -1.04 7.12
N THR A 347 1.18 -1.89 7.00
CA THR A 347 2.23 -2.06 7.99
C THR A 347 3.26 -0.94 7.86
N HIS A 348 3.52 -0.15 8.90
CA HIS A 348 2.87 -0.23 10.20
C HIS A 348 2.43 1.14 10.66
N ASN A 349 1.40 1.64 10.10
CA ASN A 349 1.24 3.09 10.17
C ASN A 349 -0.06 3.50 9.45
N PRO A 350 -0.79 4.63 9.55
CA PRO A 350 -1.99 4.87 8.74
C PRO A 350 -1.77 4.94 7.25
N ALA A 351 -2.82 4.63 6.50
CA ALA A 351 -2.75 4.57 5.06
C ALA A 351 -3.01 5.93 4.48
N SER A 352 -2.66 6.10 3.22
CA SER A 352 -3.04 7.29 2.48
C SER A 352 -4.47 7.19 2.02
N GLU A 353 -5.03 8.32 1.62
CA GLU A 353 -6.33 8.38 1.01
C GLU A 353 -6.36 7.54 -0.26
N GLN A 354 -5.29 7.56 -1.03
CA GLN A 354 -5.22 6.76 -2.24
C GLN A 354 -5.35 5.26 -1.98
N THR A 355 -4.56 4.74 -1.06
CA THR A 355 -4.59 3.34 -0.75
C THR A 355 -6.00 2.90 -0.32
N LEU A 356 -6.63 3.66 0.55
CA LEU A 356 -7.95 3.29 1.05
C LEU A 356 -9.02 3.29 -0.01
N GLN A 357 -8.97 4.29 -0.87
CA GLN A 357 -9.88 4.40 -2.00
C GLN A 357 -9.71 3.33 -3.08
N ILE A 358 -8.47 3.01 -3.43
CA ILE A 358 -8.17 2.00 -4.42
C ILE A 358 -8.56 0.63 -3.92
N ALA A 359 -8.40 0.43 -2.64
CA ALA A 359 -8.79 -0.82 -2.02
C ALA A 359 -10.30 -1.00 -2.06
N ALA A 360 -11.06 0.06 -1.82
CA ALA A 360 -12.51 -0.02 -1.97
C ALA A 360 -12.90 -0.26 -3.41
N GLU A 361 -12.20 0.39 -4.31
CA GLU A 361 -12.45 0.26 -5.75
C GLU A 361 -12.12 -1.10 -6.34
N LEU A 362 -11.07 -1.76 -5.83
CA LEU A 362 -10.58 -3.03 -6.38
C LEU A 362 -11.07 -4.26 -5.64
N GLY A 363 -11.74 -4.05 -4.50
CA GLY A 363 -12.16 -5.16 -3.67
C GLY A 363 -11.06 -5.83 -2.89
N LEU A 364 -10.37 -5.06 -2.07
CA LEU A 364 -9.38 -5.61 -1.14
C LEU A 364 -9.71 -5.22 0.27
N LEU A 365 -9.77 -6.20 1.15
CA LEU A 365 -9.99 -5.95 2.56
C LEU A 365 -8.73 -5.34 3.16
N VAL A 366 -8.91 -4.38 4.05
CA VAL A 366 -7.79 -3.64 4.60
C VAL A 366 -7.73 -3.74 6.12
N GLN A 367 -6.54 -4.07 6.63
CA GLN A 367 -6.19 -3.79 8.02
C GLN A 367 -5.31 -2.56 8.07
N GLU A 368 -5.81 -1.48 8.67
CA GLU A 368 -5.03 -0.25 8.84
C GLU A 368 -4.45 -0.22 10.23
N GLU A 369 -3.16 0.06 10.31
CA GLU A 369 -2.40 -0.01 11.55
C GLU A 369 -1.96 1.36 12.07
N ALA A 370 -2.31 1.68 13.31
CA ALA A 370 -1.94 3.00 13.87
C ALA A 370 -0.46 3.13 14.34
N PHE A 371 0.04 2.10 15.01
CA PHE A 371 1.30 2.18 15.72
C PHE A 371 2.27 1.03 15.46
N ASP A 372 3.56 1.39 15.32
CA ASP A 372 4.64 0.44 15.36
C ASP A 372 5.29 0.39 16.76
N THR A 373 4.83 1.21 17.69
CA THR A 373 5.33 1.16 19.04
C THR A 373 4.34 1.85 19.93
N TRP A 374 4.42 1.57 21.23
CA TRP A 374 3.67 2.34 22.22
C TRP A 374 4.60 3.32 22.93
N TYR A 375 4.57 3.32 24.26
CA TYR A 375 5.35 4.22 25.09
C TYR A 375 6.83 3.87 25.18
N GLY A 376 7.18 2.63 24.88
CA GLY A 376 8.57 2.19 24.95
C GLY A 376 9.50 2.73 23.88
N GLY A 377 9.03 2.72 22.64
CA GLY A 377 9.83 3.14 21.50
C GLY A 377 10.64 2.00 20.95
N LYS A 378 10.92 2.06 19.66
CA LYS A 378 11.85 1.12 19.00
C LYS A 378 13.13 1.82 18.47
N LYS A 379 12.98 3.10 18.16
CA LYS A 379 14.06 3.93 17.69
C LYS A 379 13.96 5.27 18.43
N PRO A 380 15.08 5.96 18.57
CA PRO A 380 15.08 7.14 19.42
C PRO A 380 14.13 8.22 18.98
N TYR A 381 14.02 8.43 17.67
CA TYR A 381 13.24 9.55 17.14
C TYR A 381 11.94 9.10 16.49
N ASP A 382 11.50 7.89 16.85
CA ASP A 382 10.21 7.41 16.37
C ASP A 382 9.10 7.97 17.25
N TYR A 383 7.91 7.44 17.06
CA TYR A 383 6.68 7.92 17.72
C TYR A 383 6.62 7.69 19.22
N GLY A 384 7.37 6.71 19.74
CA GLY A 384 7.26 6.28 21.14
C GLY A 384 7.32 7.41 22.16
N ARG A 385 8.19 8.38 21.90
CA ARG A 385 8.35 9.53 22.74
C ARG A 385 7.15 10.45 22.80
N PHE A 386 6.30 10.47 21.79
CA PHE A 386 5.07 11.28 21.82
C PHE A 386 3.83 10.56 22.33
N PHE A 387 3.93 9.24 22.43
CA PHE A 387 2.76 8.38 22.59
C PHE A 387 1.91 8.76 23.79
N GLU A 388 2.55 9.07 24.91
CA GLU A 388 1.82 9.43 26.12
C GLU A 388 1.77 10.91 26.43
N LYS A 389 2.25 11.76 25.54
CA LYS A 389 2.22 13.18 25.78
C LYS A 389 0.90 13.75 25.32
N ASP A 390 0.54 14.90 25.88
CA ASP A 390 -0.73 15.53 25.57
C ASP A 390 -0.79 15.95 24.16
N ALA A 391 -1.90 15.64 23.50
CA ALA A 391 -2.17 16.16 22.19
C ALA A 391 -2.31 17.67 22.29
N THR A 392 -1.61 18.40 21.44
CA THR A 392 -1.71 19.85 21.46
C THR A 392 -2.45 20.36 20.23
N HIS A 393 -3.12 19.47 19.51
CA HIS A 393 -3.89 19.86 18.34
C HIS A 393 -5.00 20.78 18.82
N PRO A 394 -5.32 21.82 18.02
CA PRO A 394 -6.41 22.69 18.50
C PRO A 394 -7.72 22.00 18.84
N GLU A 395 -8.02 20.95 18.10
CA GLU A 395 -9.26 20.20 18.19
C GLU A 395 -9.13 18.92 19.02
N ALA A 396 -8.03 18.75 19.73
CA ALA A 396 -7.88 17.62 20.62
C ALA A 396 -8.81 17.79 21.79
N ARG A 397 -9.37 16.69 22.25
CA ARG A 397 -10.24 16.70 23.41
C ARG A 397 -9.43 16.75 24.67
N LYS A 398 -10.07 17.21 25.74
CA LYS A 398 -9.42 17.31 27.04
C LYS A 398 -8.90 15.96 27.54
N GLY A 399 -7.62 15.93 27.91
CA GLY A 399 -7.03 14.72 28.47
C GLY A 399 -6.58 13.69 27.45
N GLU A 400 -6.71 14.01 26.18
CA GLU A 400 -6.23 13.14 25.12
C GLU A 400 -4.72 13.18 24.97
N LYS A 401 -4.13 12.00 24.93
CA LYS A 401 -2.74 11.86 24.56
C LYS A 401 -2.64 11.87 23.06
N TRP A 402 -1.43 11.98 22.54
CA TRP A 402 -1.25 11.86 21.10
C TRP A 402 -1.76 10.50 20.57
N SER A 403 -1.47 9.45 21.29
CA SER A 403 -1.97 8.15 20.88
C SER A 403 -3.49 8.14 20.83
N ASP A 404 -4.13 8.75 21.82
CA ASP A 404 -5.58 8.82 21.83
C ASP A 404 -6.09 9.57 20.61
N PHE A 405 -5.55 10.76 20.39
CA PHE A 405 -6.02 11.66 19.36
C PHE A 405 -5.77 11.08 17.96
N ASP A 406 -4.58 10.54 17.75
CA ASP A 406 -4.21 9.93 16.47
C ASP A 406 -5.02 8.69 16.11
N LEU A 407 -5.27 7.84 17.09
CA LEU A 407 -6.09 6.65 16.87
C LEU A 407 -7.52 7.06 16.60
N ARG A 408 -8.04 7.99 17.38
CA ARG A 408 -9.39 8.43 17.21
C ARG A 408 -9.57 8.98 15.80
N THR A 409 -8.67 9.86 15.37
CA THR A 409 -8.86 10.57 14.11
C THR A 409 -8.72 9.67 12.88
N MET A 410 -7.85 8.67 12.97
CA MET A 410 -7.74 7.69 11.92
C MET A 410 -9.02 6.88 11.77
N VAL A 411 -9.62 6.45 12.88
CA VAL A 411 -10.84 5.68 12.83
C VAL A 411 -12.02 6.51 12.28
N GLU A 412 -12.10 7.76 12.71
CA GLU A 412 -13.12 8.68 12.20
C GLU A 412 -13.02 8.93 10.71
N ARG A 413 -11.78 8.99 10.21
CA ARG A 413 -11.49 9.11 8.79
C ARG A 413 -12.00 7.90 7.99
N GLY A 414 -11.78 6.68 8.47
CA GLY A 414 -12.10 5.48 7.70
C GLY A 414 -13.32 4.68 8.09
N LYS A 415 -14.11 5.16 9.05
CA LYS A 415 -15.22 4.39 9.59
C LYS A 415 -16.24 3.96 8.52
N ASN A 416 -16.39 4.75 7.46
CA ASN A 416 -17.33 4.44 6.40
C ASN A 416 -16.75 3.72 5.18
N ASN A 417 -15.47 3.39 5.21
CA ASN A 417 -14.85 2.73 4.07
C ASN A 417 -15.09 1.23 4.12
N PRO A 418 -15.79 0.70 3.12
CA PRO A 418 -16.13 -0.73 3.02
C PRO A 418 -14.92 -1.67 3.08
N ALA A 419 -13.76 -1.20 2.65
CA ALA A 419 -12.59 -2.06 2.56
C ALA A 419 -12.02 -2.43 3.93
N ILE A 420 -12.12 -1.52 4.87
CA ILE A 420 -11.47 -1.68 6.15
C ILE A 420 -12.34 -2.58 6.99
N PHE A 421 -11.75 -3.63 7.51
CA PHE A 421 -12.44 -4.53 8.40
C PHE A 421 -11.69 -4.75 9.71
N MET A 422 -10.44 -4.31 9.78
CA MET A 422 -9.62 -4.44 10.99
C MET A 422 -8.89 -3.13 11.29
N TRP A 423 -8.79 -2.80 12.58
CA TRP A 423 -8.02 -1.67 13.06
C TRP A 423 -6.94 -2.27 13.93
N SER A 424 -5.69 -2.01 13.60
CA SER A 424 -4.59 -2.55 14.39
C SER A 424 -4.04 -1.45 15.27
N ILE A 425 -3.90 -1.77 16.56
CA ILE A 425 -3.40 -0.81 17.53
C ILE A 425 -1.96 -1.07 17.93
N GLY A 426 -1.32 -2.03 17.28
CA GLY A 426 0.11 -2.19 17.41
C GLY A 426 0.74 -3.33 16.63
N ASN A 427 1.98 -3.13 16.19
CA ASN A 427 2.79 -4.20 15.65
C ASN A 427 4.04 -4.42 16.46
N GLU A 428 4.19 -5.67 16.92
CA GLU A 428 5.34 -6.15 17.67
C GLU A 428 5.75 -5.20 18.80
N ILE A 429 4.77 -4.87 19.64
CA ILE A 429 4.95 -3.98 20.77
C ILE A 429 5.53 -4.82 21.91
N GLY A 430 6.82 -4.62 22.16
CA GLY A 430 7.53 -5.40 23.17
C GLY A 430 7.02 -5.10 24.56
N GLU A 431 6.74 -3.84 24.82
CA GLU A 431 6.22 -3.40 26.12
C GLU A 431 4.82 -3.93 26.45
N ALA A 432 4.12 -4.53 25.47
CA ALA A 432 2.77 -5.09 25.70
C ALA A 432 2.87 -6.52 26.19
N ASN A 433 3.35 -6.64 27.42
CA ASN A 433 3.65 -7.92 28.02
C ASN A 433 2.67 -8.36 29.09
N GLY A 434 1.60 -7.62 29.28
CA GLY A 434 0.58 -8.00 30.26
C GLY A 434 0.73 -7.39 31.62
N ASP A 435 1.68 -6.48 31.75
CA ASP A 435 1.84 -5.75 33.00
C ASP A 435 0.72 -4.72 33.12
N ALA A 436 0.63 -4.07 34.27
CA ALA A 436 -0.51 -3.21 34.57
C ALA A 436 -0.60 -2.06 33.58
N HIS A 437 0.55 -1.54 33.19
CA HIS A 437 0.62 -0.43 32.27
C HIS A 437 0.13 -0.78 30.89
N SER A 438 0.57 -1.93 30.37
CA SER A 438 0.20 -2.33 29.03
C SER A 438 -1.24 -2.78 28.97
N LEU A 439 -1.68 -3.43 30.03
CA LEU A 439 -3.07 -3.83 30.14
C LEU A 439 -3.98 -2.62 30.18
N ALA A 440 -3.59 -1.59 30.90
CA ALA A 440 -4.35 -0.35 30.91
C ALA A 440 -4.38 0.25 29.54
N THR A 441 -3.23 0.20 28.85
CA THR A 441 -3.07 0.87 27.58
C THR A 441 -3.90 0.22 26.46
N VAL A 442 -3.96 -1.11 26.43
CA VAL A 442 -4.72 -1.78 25.39
C VAL A 442 -6.22 -1.47 25.58
N LYS A 443 -6.67 -1.50 26.82
CA LYS A 443 -8.06 -1.17 27.12
C LYS A 443 -8.40 0.27 26.75
N ARG A 444 -7.51 1.21 27.06
CA ARG A 444 -7.74 2.60 26.71
C ARG A 444 -7.89 2.74 25.19
N LEU A 445 -6.99 2.08 24.46
CA LEU A 445 -6.93 2.17 23.01
C LEU A 445 -8.12 1.50 22.36
N VAL A 446 -8.50 0.33 22.84
CA VAL A 446 -9.69 -0.34 22.30
C VAL A 446 -10.92 0.55 22.45
N LYS A 447 -11.06 1.11 23.64
CA LYS A 447 -12.18 1.95 23.95
C LYS A 447 -12.25 3.20 23.06
N VAL A 448 -11.10 3.77 22.68
CA VAL A 448 -11.06 4.90 21.74
C VAL A 448 -11.76 4.53 20.43
N ILE A 449 -11.39 3.38 19.90
CA ILE A 449 -11.96 2.89 18.67
C ILE A 449 -13.44 2.65 18.84
N LYS A 450 -13.85 1.98 19.91
CA LYS A 450 -15.25 1.54 20.05
C LYS A 450 -16.22 2.69 20.27
N ASP A 451 -15.68 3.79 20.79
CA ASP A 451 -16.45 5.00 20.97
C ASP A 451 -16.74 5.62 19.63
N VAL A 452 -15.98 5.25 18.63
CA VAL A 452 -16.22 5.70 17.27
C VAL A 452 -16.83 4.61 16.39
N ASP A 453 -16.35 3.38 16.51
CA ASP A 453 -16.70 2.34 15.57
C ASP A 453 -16.58 0.97 16.20
N LYS A 454 -17.70 0.26 16.23
CA LYS A 454 -17.77 -1.08 16.78
C LYS A 454 -17.80 -2.15 15.72
N THR A 455 -17.89 -1.73 14.46
CA THR A 455 -18.13 -2.69 13.38
C THR A 455 -16.87 -3.46 12.95
N ARG A 456 -15.70 -2.99 13.31
CA ARG A 456 -14.45 -3.59 12.83
C ARG A 456 -13.62 -4.26 13.93
N TYR A 457 -12.83 -5.25 13.54
CA TYR A 457 -12.01 -5.97 14.50
C TYR A 457 -10.80 -5.20 14.97
N VAL A 458 -10.67 -5.04 16.27
CA VAL A 458 -9.48 -4.43 16.83
C VAL A 458 -8.49 -5.55 17.03
N THR A 459 -7.25 -5.31 16.64
CA THR A 459 -6.27 -6.38 16.61
C THR A 459 -4.86 -5.84 16.84
N MET A 460 -3.90 -6.75 16.94
CA MET A 460 -2.49 -6.41 17.00
C MET A 460 -1.73 -7.50 16.31
N GLY A 461 -0.51 -7.21 15.89
CA GLY A 461 0.35 -8.23 15.29
C GLY A 461 1.44 -8.53 16.29
N ALA A 462 1.51 -9.77 16.77
CA ALA A 462 2.44 -10.10 17.83
C ALA A 462 3.35 -11.27 17.50
N ASP A 463 4.65 -11.04 17.62
CA ASP A 463 5.64 -12.08 17.43
C ASP A 463 6.03 -12.75 18.72
N LYS A 464 5.46 -12.31 19.84
CA LYS A 464 5.70 -12.96 21.14
C LYS A 464 5.25 -14.41 21.17
N PHE A 465 4.24 -14.72 20.37
CA PHE A 465 3.67 -16.06 20.30
C PHE A 465 4.57 -17.11 19.66
N ARG A 466 5.65 -16.68 19.01
CA ARG A 466 6.59 -17.64 18.40
C ARG A 466 7.73 -18.06 19.30
N PHE A 467 7.83 -17.43 20.48
CA PHE A 467 8.90 -17.75 21.42
C PHE A 467 8.43 -18.77 22.44
N GLY A 468 9.24 -19.80 22.64
CA GLY A 468 8.88 -20.89 23.51
C GLY A 468 7.63 -21.53 22.96
N ASN A 469 6.66 -21.74 23.85
CA ASN A 469 5.38 -22.32 23.49
C ASN A 469 4.35 -21.24 23.15
N GLY A 470 4.79 -19.98 23.17
CA GLY A 470 3.97 -18.84 22.79
C GLY A 470 3.16 -18.21 23.92
N SER A 471 3.23 -18.80 25.11
CA SER A 471 2.39 -18.39 26.21
C SER A 471 3.17 -17.44 27.07
N GLY A 472 2.45 -16.58 27.78
CA GLY A 472 3.07 -15.53 28.59
C GLY A 472 2.08 -14.45 28.97
N GLY A 473 2.56 -13.42 29.63
CA GLY A 473 1.71 -12.34 30.13
C GLY A 473 1.06 -11.57 29.00
N HIS A 474 1.67 -11.68 27.84
CA HIS A 474 1.17 -11.05 26.63
C HIS A 474 -0.21 -11.60 26.20
N GLU A 475 -0.51 -12.82 26.66
CA GLU A 475 -1.79 -13.47 26.39
C GLU A 475 -2.94 -12.68 26.97
N LYS A 476 -2.67 -11.98 28.07
CA LYS A 476 -3.65 -11.11 28.72
C LYS A 476 -3.99 -9.88 27.87
N ILE A 477 -3.02 -9.39 27.12
CA ILE A 477 -3.23 -8.30 26.18
C ILE A 477 -4.08 -8.78 25.01
N ALA A 478 -3.75 -9.95 24.48
CA ALA A 478 -4.53 -10.55 23.38
C ALA A 478 -6.00 -10.78 23.73
N ASP A 479 -6.26 -11.08 24.99
CA ASP A 479 -7.61 -11.25 25.49
C ASP A 479 -8.47 -10.01 25.30
N GLU A 480 -7.87 -8.82 25.27
CA GLU A 480 -8.65 -7.59 25.11
C GLU A 480 -9.04 -7.27 23.68
N LEU A 481 -8.39 -7.94 22.73
CA LEU A 481 -8.56 -7.68 21.30
C LEU A 481 -9.72 -8.48 20.77
N ASP A 482 -10.34 -7.98 19.71
CA ASP A 482 -11.33 -8.76 18.98
C ASP A 482 -10.74 -9.93 18.21
N ALA A 483 -9.60 -9.71 17.57
CA ALA A 483 -8.92 -10.77 16.86
C ALA A 483 -7.46 -10.71 17.18
N VAL A 484 -6.82 -11.87 17.24
CA VAL A 484 -5.45 -11.93 17.68
C VAL A 484 -4.52 -12.34 16.53
N GLY A 485 -3.59 -11.42 16.21
CA GLY A 485 -2.67 -11.58 15.10
C GLY A 485 -1.38 -12.25 15.54
N PHE A 486 -1.04 -13.34 14.85
CA PHE A 486 0.17 -14.07 15.12
C PHE A 486 1.20 -13.69 14.07
N ASN A 487 2.35 -13.16 14.51
CA ASN A 487 3.49 -12.92 13.62
C ASN A 487 4.43 -14.09 13.72
N TYR A 488 4.57 -14.85 12.64
CA TYR A 488 5.56 -15.95 12.56
C TYR A 488 5.40 -17.00 13.64
N SER A 489 4.16 -17.29 14.01
CA SER A 489 3.85 -18.17 15.13
C SER A 489 3.05 -19.42 14.76
N GLU A 490 3.19 -19.89 13.53
CA GLU A 490 2.44 -21.04 13.04
C GLU A 490 2.76 -22.26 13.88
N ASP A 491 4.00 -22.32 14.36
CA ASP A 491 4.48 -23.46 15.14
C ASP A 491 3.79 -23.64 16.48
N ASN A 492 3.28 -22.56 17.06
CA ASN A 492 2.59 -22.67 18.34
C ASN A 492 1.09 -22.52 18.24
N TYR A 493 0.59 -22.51 17.00
CA TYR A 493 -0.82 -22.24 16.81
C TYR A 493 -1.68 -23.34 17.44
N LYS A 494 -1.31 -24.58 17.18
CA LYS A 494 -2.13 -25.69 17.63
C LYS A 494 -2.27 -25.64 19.16
N ALA A 495 -1.16 -25.44 19.84
CA ALA A 495 -1.17 -25.32 21.29
C ALA A 495 -1.96 -24.09 21.75
N LEU A 496 -1.70 -22.94 21.16
CA LEU A 496 -2.38 -21.71 21.54
C LEU A 496 -3.88 -21.80 21.25
N ARG A 497 -4.22 -22.48 20.17
CA ARG A 497 -5.60 -22.71 19.81
C ARG A 497 -6.33 -23.57 20.85
N ALA A 498 -5.66 -24.60 21.34
CA ALA A 498 -6.22 -25.47 22.38
C ALA A 498 -6.45 -24.70 23.68
N LYS A 499 -5.51 -23.83 24.00
CA LYS A 499 -5.56 -23.01 25.18
C LYS A 499 -6.64 -21.92 25.11
N HIS A 500 -6.85 -21.33 23.96
CA HIS A 500 -7.76 -20.18 23.83
C HIS A 500 -8.80 -20.50 22.78
N PRO A 501 -9.82 -21.31 23.17
CA PRO A 501 -10.70 -21.78 22.10
C PRO A 501 -11.55 -20.67 21.47
N LYS A 502 -11.73 -19.58 22.18
CA LYS A 502 -12.59 -18.51 21.72
C LYS A 502 -11.86 -17.43 20.94
N TRP A 503 -10.54 -17.53 20.86
CA TRP A 503 -9.75 -16.54 20.12
C TRP A 503 -10.04 -16.66 18.63
N LEU A 504 -10.10 -15.49 17.98
CA LEU A 504 -10.10 -15.42 16.52
C LEU A 504 -8.68 -15.15 16.06
N ILE A 505 -8.11 -16.12 15.35
CA ILE A 505 -6.70 -16.13 15.06
C ILE A 505 -6.44 -16.00 13.56
N TYR A 506 -5.46 -15.18 13.21
CA TYR A 506 -4.98 -15.07 11.84
C TYR A 506 -3.48 -14.79 11.90
N GLY A 507 -2.82 -14.92 10.75
CA GLY A 507 -1.43 -14.57 10.66
C GLY A 507 -1.29 -13.11 10.28
N SER A 508 -0.93 -12.29 11.24
CA SER A 508 -0.77 -10.88 10.98
C SER A 508 0.51 -10.61 10.18
N GLU A 509 1.50 -11.49 10.31
CA GLU A 509 2.73 -11.36 9.53
C GLU A 509 3.35 -12.71 9.32
N THR A 510 3.52 -13.08 8.05
CA THR A 510 4.02 -14.40 7.72
C THR A 510 5.11 -14.44 6.65
N SER A 511 5.82 -15.55 6.63
CA SER A 511 6.86 -15.86 5.65
C SER A 511 8.18 -15.16 5.94
N SER A 512 8.35 -13.96 5.41
CA SER A 512 9.64 -13.28 5.37
C SER A 512 10.67 -14.10 4.63
N ALA A 513 10.23 -14.72 3.53
CA ALA A 513 11.13 -15.35 2.60
C ALA A 513 11.87 -14.24 1.89
N THR A 514 13.12 -14.46 1.52
CA THR A 514 13.93 -13.43 0.89
C THR A 514 14.42 -13.85 -0.50
N ARG A 515 14.25 -13.00 -1.48
CA ARG A 515 14.57 -13.35 -2.86
C ARG A 515 15.05 -12.17 -3.70
N THR A 516 15.93 -12.48 -4.64
CA THR A 516 16.39 -11.51 -5.61
C THR A 516 15.90 -12.01 -6.93
N ARG A 517 15.26 -11.16 -7.70
CA ARG A 517 14.71 -11.55 -8.98
C ARG A 517 15.80 -12.02 -9.95
N GLY A 518 15.61 -13.20 -10.53
CA GLY A 518 16.51 -13.74 -11.53
C GLY A 518 17.79 -14.32 -10.96
N SER A 519 17.85 -14.44 -9.63
CA SER A 519 18.99 -15.00 -8.93
C SER A 519 18.63 -16.36 -8.37
N TYR A 520 19.49 -17.34 -8.58
CA TYR A 520 19.19 -18.69 -8.18
C TYR A 520 20.32 -19.29 -7.37
N TYR A 521 20.00 -19.96 -6.26
CA TYR A 521 21.02 -20.62 -5.45
C TYR A 521 20.49 -21.91 -4.83
N ARG A 522 21.18 -23.02 -5.08
CA ARG A 522 20.98 -24.28 -4.33
C ARG A 522 19.51 -24.68 -4.14
N PRO A 523 18.77 -24.89 -5.24
CA PRO A 523 17.33 -25.18 -5.14
C PRO A 523 17.03 -26.36 -4.26
N GLU A 524 17.97 -27.29 -4.22
CA GLU A 524 17.82 -28.53 -3.45
C GLU A 524 17.77 -28.32 -1.94
N ARG A 525 18.30 -27.22 -1.43
CA ARG A 525 18.33 -26.96 0.00
C ARG A 525 17.33 -25.91 0.41
N GLU A 526 17.07 -25.85 1.71
CA GLU A 526 16.41 -24.72 2.32
C GLU A 526 17.49 -23.92 3.03
N LEU A 527 17.58 -22.64 2.74
CA LEU A 527 18.63 -21.81 3.23
C LEU A 527 18.10 -20.90 4.30
N LYS A 528 18.64 -21.02 5.52
CA LYS A 528 18.16 -20.22 6.64
C LYS A 528 19.12 -19.08 6.97
N HIS A 529 18.62 -17.86 6.80
CA HIS A 529 19.37 -16.68 7.09
C HIS A 529 20.76 -16.70 6.49
N SER A 530 20.84 -17.12 5.22
CA SER A 530 22.10 -17.30 4.52
C SER A 530 22.65 -15.98 3.97
N ASN A 531 23.49 -15.32 4.77
CA ASN A 531 24.04 -14.02 4.41
C ASN A 531 25.55 -14.02 4.27
N GLY A 532 26.09 -15.13 3.83
CA GLY A 532 27.51 -15.23 3.58
C GLY A 532 28.02 -14.50 2.34
N PRO A 533 29.34 -14.29 2.26
CA PRO A 533 29.98 -13.59 1.14
C PRO A 533 29.77 -14.30 -0.19
N GLU A 534 29.60 -15.61 -0.14
CA GLU A 534 29.34 -16.41 -1.32
C GLU A 534 27.95 -16.11 -1.95
N ARG A 535 27.08 -15.52 -1.16
CA ARG A 535 25.78 -15.08 -1.62
C ARG A 535 25.83 -13.81 -2.48
N ASN A 536 26.91 -13.01 -2.51
N ASN A 536 26.90 -13.02 -2.44
CA ASN A 536 27.03 -11.90 -3.47
CA ASN A 536 27.09 -11.83 -3.30
C ASN A 536 25.83 -10.91 -3.36
C ASN A 536 25.85 -10.93 -3.32
N TYR A 537 25.32 -10.79 -2.14
CA TYR A 537 24.20 -9.93 -1.71
C TYR A 537 22.86 -10.18 -2.40
N GLU A 538 22.64 -11.47 -2.68
CA GLU A 538 21.51 -11.91 -3.46
C GLU A 538 20.84 -13.09 -2.78
N GLN A 539 19.57 -13.29 -3.08
CA GLN A 539 18.83 -14.37 -2.51
C GLN A 539 18.08 -15.05 -3.64
N SER A 540 17.56 -16.25 -3.37
CA SER A 540 17.10 -17.16 -4.42
C SER A 540 15.64 -17.05 -4.82
N ASP A 541 15.41 -16.91 -6.11
CA ASP A 541 14.09 -16.83 -6.71
C ASP A 541 13.40 -18.20 -6.81
N TYR A 542 14.11 -19.26 -6.48
CA TYR A 542 13.49 -20.56 -6.22
C TYR A 542 12.61 -20.48 -4.97
N GLY A 543 12.83 -19.46 -4.14
CA GLY A 543 12.04 -19.26 -2.93
C GLY A 543 12.47 -20.13 -1.77
N ASN A 544 13.71 -20.58 -1.81
CA ASN A 544 14.24 -21.48 -0.80
C ASN A 544 15.05 -20.75 0.30
N ASP A 545 15.08 -19.42 0.24
CA ASP A 545 15.69 -18.59 1.27
C ASP A 545 14.64 -17.98 2.18
N ARG A 546 14.85 -18.09 3.47
CA ARG A 546 14.01 -17.42 4.45
C ARG A 546 14.85 -17.10 5.67
N VAL A 547 14.45 -16.07 6.40
CA VAL A 547 15.14 -15.63 7.58
C VAL A 547 14.98 -16.66 8.69
N GLY A 548 15.71 -16.44 9.78
CA GLY A 548 15.76 -17.39 10.87
C GLY A 548 14.41 -17.66 11.49
N TRP A 549 13.59 -16.61 11.61
CA TRP A 549 12.22 -16.69 12.18
C TRP A 549 11.17 -16.97 11.11
N GLY A 550 11.61 -17.12 9.87
CA GLY A 550 10.69 -17.16 8.74
C GLY A 550 10.27 -18.53 8.26
N LYS A 551 9.48 -18.50 7.19
CA LYS A 551 9.07 -19.71 6.49
C LYS A 551 9.09 -19.40 5.03
N THR A 552 9.21 -20.42 4.21
CA THR A 552 9.08 -20.27 2.78
C THR A 552 7.63 -19.93 2.42
N ALA A 553 7.39 -19.56 1.18
CA ALA A 553 6.02 -19.38 0.74
C ALA A 553 5.22 -20.68 0.93
N THR A 554 5.80 -21.83 0.56
CA THR A 554 5.08 -23.10 0.65
C THR A 554 4.78 -23.45 2.09
N ALA A 555 5.78 -23.33 2.97
CA ALA A 555 5.60 -23.74 4.35
C ALA A 555 4.53 -22.90 4.99
N SER A 556 4.60 -21.59 4.73
CA SER A 556 3.71 -20.64 5.38
C SER A 556 2.28 -20.72 4.79
N TRP A 557 2.18 -20.95 3.49
CA TRP A 557 0.88 -21.09 2.86
C TRP A 557 0.21 -22.43 3.15
N THR A 558 0.97 -23.52 3.12
CA THR A 558 0.35 -24.84 3.32
C THR A 558 -0.25 -24.93 4.71
N PHE A 559 0.44 -24.38 5.70
CA PHE A 559 -0.08 -24.37 7.06
C PHE A 559 -1.40 -23.64 7.15
N ASP A 560 -1.44 -22.43 6.58
CA ASP A 560 -2.63 -21.61 6.57
C ASP A 560 -3.76 -22.38 5.92
N ARG A 561 -3.46 -22.94 4.76
CA ARG A 561 -4.42 -23.75 4.01
C ARG A 561 -4.92 -24.95 4.81
N ASP A 562 -4.06 -25.57 5.56
CA ASP A 562 -4.44 -26.79 6.26
C ASP A 562 -5.24 -26.57 7.53
N ASN A 563 -5.33 -25.32 8.00
CA ASN A 563 -6.07 -25.00 9.22
C ASN A 563 -7.16 -23.93 9.06
N ALA A 564 -8.41 -24.36 9.24
CA ALA A 564 -9.57 -23.48 9.09
C ALA A 564 -9.63 -22.38 10.12
N GLY A 565 -9.15 -22.66 11.33
CA GLY A 565 -9.22 -21.70 12.44
C GLY A 565 -8.18 -20.60 12.42
N TYR A 566 -7.20 -20.75 11.53
CA TYR A 566 -6.22 -19.71 11.21
C TYR A 566 -6.77 -19.02 9.98
N ALA A 567 -7.37 -17.86 10.17
CA ALA A 567 -8.23 -17.25 9.15
C ALA A 567 -7.54 -16.81 7.86
N GLY A 568 -6.21 -16.63 7.88
CA GLY A 568 -5.51 -16.18 6.71
C GLY A 568 -4.18 -15.66 7.13
N GLN A 569 -3.54 -14.88 6.28
CA GLN A 569 -2.23 -14.37 6.61
C GLN A 569 -1.97 -13.09 5.84
N PHE A 570 -1.07 -12.27 6.36
CA PHE A 570 -0.56 -11.12 5.62
C PHE A 570 0.93 -11.29 5.43
N ILE A 571 1.31 -11.74 4.24
CA ILE A 571 2.67 -12.06 3.92
C ILE A 571 3.58 -10.86 4.01
N TRP A 572 4.76 -11.06 4.55
CA TRP A 572 5.81 -10.09 4.49
C TRP A 572 6.81 -10.51 3.42
N THR A 573 6.83 -9.84 2.26
CA THR A 573 6.11 -8.61 2.01
C THR A 573 5.48 -8.71 0.61
N GLY A 574 4.45 -7.93 0.33
CA GLY A 574 3.80 -7.98 -0.99
C GLY A 574 4.65 -7.42 -2.12
N THR A 575 5.28 -6.28 -1.87
CA THR A 575 6.28 -5.77 -2.76
C THR A 575 7.49 -5.33 -1.96
N ASP A 576 8.63 -5.25 -2.63
CA ASP A 576 9.81 -4.73 -1.94
C ASP A 576 9.64 -3.26 -1.50
N TYR A 577 10.43 -2.88 -0.52
CA TYR A 577 10.45 -1.50 -0.06
C TYR A 577 11.90 -1.11 0.16
N ILE A 578 12.14 0.19 0.20
CA ILE A 578 13.47 0.69 0.49
C ILE A 578 13.73 0.50 1.99
N GLY A 579 14.99 0.24 2.32
CA GLY A 579 15.34 -0.20 3.66
C GLY A 579 15.35 -1.70 3.92
N GLU A 580 15.45 -2.00 5.21
CA GLU A 580 15.38 -3.34 5.79
C GLU A 580 15.88 -4.48 4.90
N PRO A 581 17.19 -4.46 4.57
CA PRO A 581 17.78 -5.46 3.70
C PRO A 581 18.28 -6.70 4.39
N THR A 582 17.51 -7.23 5.33
CA THR A 582 17.72 -8.56 5.87
C THR A 582 17.80 -9.54 4.71
N PRO A 583 18.73 -10.50 4.77
CA PRO A 583 19.60 -10.88 5.88
C PRO A 583 20.92 -10.09 6.07
N TRP A 584 21.06 -8.94 5.44
CA TRP A 584 22.21 -8.07 5.65
C TRP A 584 21.82 -6.81 6.44
N HIS A 585 20.89 -6.99 7.36
CA HIS A 585 20.39 -5.87 8.15
C HIS A 585 21.45 -5.15 8.99
N ASN A 586 21.54 -3.84 8.79
CA ASN A 586 22.47 -2.94 9.50
C ASN A 586 23.94 -3.32 9.44
N GLN A 587 24.30 -4.04 8.39
CA GLN A 587 25.68 -4.24 7.98
C GLN A 587 25.94 -3.13 7.00
N ASN A 588 26.24 -1.96 7.55
CA ASN A 588 26.21 -0.71 6.79
C ASN A 588 27.29 -0.50 5.76
N GLN A 589 28.33 -1.30 5.82
CA GLN A 589 29.44 -1.12 4.91
C GLN A 589 29.24 -2.01 3.70
N THR A 590 28.20 -2.83 3.74
CA THR A 590 27.77 -3.60 2.59
C THR A 590 26.95 -2.68 1.71
N PRO A 591 26.69 -3.07 0.47
CA PRO A 591 26.03 -2.18 -0.46
C PRO A 591 24.52 -2.19 -0.40
N VAL A 592 23.93 -3.15 0.31
CA VAL A 592 22.49 -3.32 0.26
C VAL A 592 21.74 -2.15 0.87
N LYS A 593 20.72 -1.69 0.18
CA LYS A 593 19.88 -0.60 0.69
C LYS A 593 18.39 -0.87 0.61
N SER A 594 17.96 -1.98 0.03
CA SER A 594 16.54 -2.24 -0.14
C SER A 594 16.17 -3.69 0.19
N SER A 595 14.88 -3.97 0.30
CA SER A 595 14.42 -5.26 0.84
C SER A 595 14.44 -6.45 -0.13
N TYR A 596 14.54 -7.65 0.43
CA TYR A 596 14.44 -8.89 -0.30
C TYR A 596 13.10 -9.58 -0.07
N PHE A 597 12.31 -9.06 0.87
CA PHE A 597 11.07 -9.72 1.33
C PHE A 597 9.93 -9.80 0.32
N GLY A 598 9.91 -8.92 -0.66
CA GLY A 598 8.76 -8.83 -1.53
C GLY A 598 8.56 -9.93 -2.54
N ILE A 599 7.30 -10.22 -2.83
CA ILE A 599 6.91 -11.13 -3.89
C ILE A 599 7.20 -10.46 -5.24
N VAL A 600 7.07 -9.14 -5.23
CA VAL A 600 7.35 -8.30 -6.38
C VAL A 600 8.49 -7.33 -6.01
N ASP A 601 9.37 -6.93 -7.00
CA ASP A 601 10.50 -6.11 -6.60
C ASP A 601 10.11 -4.63 -6.57
N THR A 602 10.94 -3.70 -6.22
CA THR A 602 10.60 -2.27 -6.14
C THR A 602 10.20 -1.69 -7.50
N ALA A 603 10.66 -2.35 -8.57
CA ALA A 603 10.37 -1.95 -9.94
C ALA A 603 9.04 -2.46 -10.49
N GLY A 604 8.32 -3.21 -9.68
CA GLY A 604 7.02 -3.71 -10.06
C GLY A 604 7.08 -4.98 -10.89
N ILE A 605 8.22 -5.63 -10.90
CA ILE A 605 8.43 -6.81 -11.73
C ILE A 605 8.36 -8.04 -10.84
N PRO A 606 7.46 -8.98 -11.16
CA PRO A 606 7.26 -10.12 -10.29
C PRO A 606 8.46 -11.04 -10.19
N LYS A 607 8.70 -11.52 -8.99
CA LYS A 607 9.57 -12.64 -8.77
C LYS A 607 8.73 -13.90 -8.99
N HIS A 608 9.37 -15.05 -8.93
CA HIS A 608 8.72 -16.32 -9.33
C HIS A 608 7.61 -16.74 -8.39
N ASP A 609 7.77 -16.42 -7.12
CA ASP A 609 6.77 -16.77 -6.14
C ASP A 609 5.42 -16.08 -6.39
N PHE A 610 5.44 -15.00 -7.14
CA PHE A 610 4.19 -14.36 -7.52
C PHE A 610 3.29 -15.40 -8.19
N TYR A 611 3.90 -16.19 -9.06
CA TYR A 611 3.21 -17.21 -9.81
C TYR A 611 2.87 -18.43 -8.97
N LEU A 612 3.67 -18.70 -7.95
CA LEU A 612 3.33 -19.74 -6.98
C LEU A 612 2.01 -19.38 -6.29
N TYR A 613 1.93 -18.16 -5.78
CA TYR A 613 0.71 -17.70 -5.13
C TYR A 613 -0.49 -17.68 -6.09
N GLN A 614 -0.26 -17.26 -7.31
CA GLN A 614 -1.31 -17.18 -8.30
C GLN A 614 -1.91 -18.56 -8.54
N SER A 615 -1.03 -19.57 -8.62
CA SER A 615 -1.48 -20.92 -8.84
C SER A 615 -2.35 -21.44 -7.71
N GLN A 616 -2.06 -21.00 -6.50
CA GLN A 616 -2.83 -21.36 -5.30
C GLN A 616 -4.10 -20.52 -5.10
N TRP A 617 -4.06 -19.25 -5.46
CA TRP A 617 -5.11 -18.33 -5.08
C TRP A 617 -6.09 -17.93 -6.20
N VAL A 618 -5.74 -18.21 -7.44
CA VAL A 618 -6.60 -17.84 -8.54
C VAL A 618 -7.14 -19.12 -9.12
N SER A 619 -8.44 -19.16 -9.35
CA SER A 619 -9.04 -20.38 -9.86
C SER A 619 -8.70 -20.60 -11.33
N VAL A 620 -8.63 -21.86 -11.71
CA VAL A 620 -8.29 -22.23 -13.07
C VAL A 620 -9.37 -21.76 -14.06
N LYS A 621 -10.59 -21.56 -13.54
CA LYS A 621 -11.69 -20.99 -14.32
C LYS A 621 -11.48 -19.53 -14.61
N LYS A 622 -11.15 -18.74 -13.57
CA LYS A 622 -10.87 -17.28 -13.74
C LYS A 622 -9.64 -17.01 -14.58
N LYS A 623 -8.51 -17.64 -14.26
CA LYS A 623 -7.29 -17.46 -15.05
C LYS A 623 -6.41 -18.70 -15.05
N PRO A 624 -6.54 -19.53 -16.09
CA PRO A 624 -5.60 -20.63 -16.26
C PRO A 624 -4.21 -20.12 -16.54
N MET A 625 -3.23 -20.71 -15.89
CA MET A 625 -1.86 -20.27 -16.06
C MET A 625 -0.89 -21.40 -15.82
N VAL A 626 0.32 -21.20 -16.31
CA VAL A 626 1.46 -21.99 -15.94
C VAL A 626 2.70 -21.08 -16.05
N HIS A 627 3.62 -21.21 -15.10
CA HIS A 627 4.81 -20.38 -15.08
C HIS A 627 6.07 -21.20 -14.81
N LEU A 628 7.09 -21.00 -15.63
CA LEU A 628 8.30 -21.78 -15.55
C LEU A 628 9.43 -21.00 -14.88
N LEU A 629 10.25 -21.73 -14.11
CA LEU A 629 11.54 -21.26 -13.64
C LEU A 629 12.56 -22.41 -13.71
N PRO A 630 13.85 -22.08 -13.83
CA PRO A 630 14.39 -20.73 -13.86
C PRO A 630 14.50 -20.21 -15.29
N HIS A 631 15.60 -19.58 -15.66
CA HIS A 631 15.84 -19.26 -17.05
C HIS A 631 16.56 -20.41 -17.72
N TRP A 632 16.84 -20.24 -19.01
CA TRP A 632 17.52 -21.24 -19.80
C TRP A 632 18.86 -20.77 -20.36
N ASN A 633 19.57 -19.95 -19.61
CA ASN A 633 20.92 -19.54 -19.95
C ASN A 633 21.93 -20.02 -18.93
N TRP A 634 22.58 -21.14 -19.22
CA TRP A 634 23.47 -21.78 -18.24
C TRP A 634 24.89 -22.00 -18.76
N GLU A 635 25.27 -21.18 -19.72
CA GLU A 635 26.65 -21.11 -20.26
C GLU A 635 27.68 -20.79 -19.20
N ASN A 636 27.33 -19.91 -18.27
CA ASN A 636 28.23 -19.50 -17.23
C ASN A 636 28.29 -20.55 -16.13
N LYS A 637 29.50 -21.04 -15.90
CA LYS A 637 29.75 -22.14 -14.99
C LYS A 637 29.52 -21.78 -13.54
N GLU A 638 29.89 -20.57 -13.15
CA GLU A 638 29.65 -20.09 -11.81
C GLU A 638 28.17 -20.05 -11.49
N LEU A 639 27.39 -19.52 -12.42
CA LEU A 639 25.97 -19.48 -12.27
C LEU A 639 25.39 -20.89 -12.12
N ALA A 640 25.83 -21.79 -12.99
CA ALA A 640 25.28 -23.13 -13.07
C ALA A 640 25.73 -24.02 -11.93
N SER A 641 26.93 -23.82 -11.44
CA SER A 641 27.46 -24.67 -10.39
C SER A 641 26.59 -24.64 -9.13
N LYS A 642 25.92 -23.50 -8.91
CA LYS A 642 25.00 -23.31 -7.80
C LYS A 642 23.62 -23.88 -7.97
N VAL A 643 23.18 -23.99 -9.21
CA VAL A 643 21.86 -24.49 -9.53
C VAL A 643 21.84 -25.96 -9.93
N ALA A 644 22.82 -26.41 -10.72
CA ALA A 644 22.79 -27.76 -11.28
C ALA A 644 23.07 -28.81 -10.23
N ASP A 645 22.42 -29.96 -10.37
CA ASP A 645 22.58 -31.08 -9.45
C ASP A 645 23.77 -31.98 -9.76
N SER A 646 23.83 -33.10 -9.06
CA SER A 646 24.96 -34.03 -9.13
C SER A 646 25.24 -34.50 -10.55
N GLU A 647 24.18 -34.64 -11.34
CA GLU A 647 24.30 -35.03 -12.75
C GLU A 647 24.35 -33.84 -13.71
N GLY A 648 24.41 -32.63 -13.17
CA GLY A 648 24.49 -31.41 -13.97
C GLY A 648 23.19 -30.97 -14.61
N LYS A 649 22.09 -31.51 -14.10
CA LYS A 649 20.78 -31.14 -14.61
C LYS A 649 20.25 -29.92 -13.87
N ILE A 650 19.49 -29.11 -14.59
CA ILE A 650 18.92 -27.91 -14.04
C ILE A 650 17.50 -28.22 -13.59
N PRO A 651 17.18 -28.05 -12.31
CA PRO A 651 15.81 -28.32 -11.91
C PRO A 651 14.86 -27.29 -12.47
N VAL A 652 13.92 -27.73 -13.29
CA VAL A 652 12.97 -26.84 -13.91
C VAL A 652 11.65 -27.07 -13.24
N ARG A 653 10.94 -26.00 -12.90
CA ARG A 653 9.74 -26.14 -12.11
C ARG A 653 8.62 -25.37 -12.73
N ALA A 654 7.41 -25.91 -12.60
CA ALA A 654 6.23 -25.26 -13.14
C ALA A 654 5.26 -24.98 -12.01
N TYR A 655 4.78 -23.73 -11.95
CA TYR A 655 3.59 -23.37 -11.17
C TYR A 655 2.40 -23.37 -12.10
N SER A 656 1.32 -24.03 -11.70
CA SER A 656 0.09 -24.04 -12.49
C SER A 656 -1.09 -24.25 -11.61
N ASN A 657 -2.24 -23.70 -11.99
CA ASN A 657 -3.51 -24.05 -11.35
C ASN A 657 -4.26 -25.12 -12.14
N ALA A 658 -3.62 -25.59 -13.21
CA ALA A 658 -4.15 -26.62 -14.10
C ALA A 658 -3.96 -28.02 -13.51
N SER A 659 -4.53 -29.01 -14.17
CA SER A 659 -4.44 -30.41 -13.75
C SER A 659 -3.10 -31.06 -14.01
N SER A 660 -2.53 -30.76 -15.17
CA SER A 660 -1.26 -31.36 -15.57
C SER A 660 -0.40 -30.37 -16.32
N VAL A 661 0.91 -30.60 -16.27
CA VAL A 661 1.85 -29.83 -17.06
C VAL A 661 2.81 -30.77 -17.75
N GLU A 662 3.01 -30.57 -19.05
CA GLU A 662 3.98 -31.32 -19.81
C GLU A 662 5.08 -30.40 -20.29
N LEU A 663 6.33 -30.75 -20.01
CA LEU A 663 7.47 -29.90 -20.37
C LEU A 663 8.15 -30.41 -21.64
N PHE A 664 8.46 -29.49 -22.55
CA PHE A 664 9.12 -29.81 -23.81
C PHE A 664 10.44 -29.09 -23.89
N LEU A 665 11.50 -29.80 -24.22
CA LEU A 665 12.78 -29.17 -24.55
C LEU A 665 13.02 -29.28 -26.05
N ASN A 666 12.98 -28.14 -26.73
CA ASN A 666 13.19 -28.08 -28.18
C ASN A 666 12.24 -28.97 -28.93
N GLY A 667 10.97 -28.98 -28.50
CA GLY A 667 9.92 -29.70 -29.17
C GLY A 667 9.80 -31.14 -28.74
N LYS A 668 10.65 -31.58 -27.83
CA LYS A 668 10.66 -32.96 -27.44
C LYS A 668 10.17 -33.10 -26.00
N SER A 669 9.15 -33.92 -25.81
CA SER A 669 8.54 -34.03 -24.50
C SER A 669 9.52 -34.60 -23.49
N LEU A 670 9.51 -34.04 -22.28
CA LEU A 670 10.27 -34.56 -21.15
C LEU A 670 9.31 -35.23 -20.17
N GLY A 671 8.09 -35.43 -20.61
CA GLY A 671 7.09 -36.11 -19.83
C GLY A 671 6.00 -35.20 -19.35
N LEU A 672 4.82 -35.77 -19.18
CA LEU A 672 3.68 -35.07 -18.64
C LEU A 672 3.56 -35.41 -17.17
N LYS A 673 3.28 -34.41 -16.35
CA LYS A 673 3.15 -34.61 -14.91
C LYS A 673 1.87 -34.02 -14.41
N THR A 674 1.32 -34.65 -13.37
CA THR A 674 -0.03 -34.35 -12.91
C THR A 674 0.00 -33.97 -11.45
N PHE A 675 -0.73 -32.91 -11.12
CA PHE A 675 -0.84 -32.52 -9.73
C PHE A 675 -1.66 -33.58 -9.00
N ASN A 676 -1.27 -33.83 -7.76
CA ASN A 676 -1.99 -34.71 -6.89
C ASN A 676 -3.10 -33.93 -6.19
N LYS A 677 -4.34 -34.40 -6.32
CA LYS A 677 -5.51 -33.73 -5.74
C LYS A 677 -5.84 -34.23 -4.34
N LYS A 678 -6.18 -33.30 -3.44
CA LYS A 678 -6.35 -33.63 -2.04
C LYS A 678 -7.41 -32.76 -1.39
N GLN A 679 -7.80 -33.09 -0.17
CA GLN A 679 -8.83 -32.33 0.54
C GLN A 679 -8.37 -31.98 1.94
N THR A 680 -8.81 -30.83 2.41
CA THR A 680 -8.57 -30.40 3.78
C THR A 680 -9.56 -31.13 4.68
N SER A 681 -9.24 -31.26 5.96
CA SER A 681 -10.10 -32.02 6.87
C SER A 681 -11.51 -31.47 6.83
N ASP A 682 -11.66 -30.21 6.47
CA ASP A 682 -12.96 -29.60 6.35
C ASP A 682 -13.51 -29.65 4.91
N GLY A 683 -12.90 -30.49 4.07
CA GLY A 683 -13.40 -30.71 2.70
C GLY A 683 -13.08 -29.70 1.60
N ARG A 684 -12.21 -28.75 1.90
CA ARG A 684 -11.70 -27.84 0.88
C ARG A 684 -10.73 -28.64 0.01
N THR A 685 -10.90 -28.51 -1.30
CA THR A 685 -10.06 -29.22 -2.27
C THR A 685 -8.81 -28.43 -2.68
N TYR A 686 -7.69 -29.12 -2.89
CA TYR A 686 -6.43 -28.49 -3.29
C TYR A 686 -5.50 -29.42 -4.07
N GLN A 687 -4.48 -28.82 -4.67
CA GLN A 687 -3.50 -29.50 -5.52
C GLN A 687 -2.09 -29.32 -5.00
N GLU A 688 -1.27 -30.35 -5.14
CA GLU A 688 0.13 -30.29 -4.75
C GLU A 688 0.92 -31.21 -5.67
N GLY A 689 2.25 -31.18 -5.54
CA GLY A 689 3.11 -31.95 -6.43
C GLY A 689 3.54 -33.31 -5.89
N ALA A 690 4.81 -33.64 -6.08
CA ALA A 690 5.35 -34.93 -5.69
C ALA A 690 5.18 -35.22 -4.19
N ASN A 691 5.15 -34.18 -3.38
CA ASN A 691 4.91 -34.36 -1.95
C ASN A 691 4.26 -33.12 -1.36
N ALA A 692 4.03 -33.15 -0.06
CA ALA A 692 3.31 -32.06 0.61
C ALA A 692 4.08 -30.73 0.64
N ASN A 693 5.40 -30.80 0.49
CA ASN A 693 6.24 -29.61 0.47
C ASN A 693 6.60 -29.11 -0.92
N GLU A 694 5.92 -29.60 -1.96
CA GLU A 694 6.13 -29.08 -3.28
C GLU A 694 4.79 -28.75 -3.90
N LEU A 695 4.57 -27.48 -4.21
CA LEU A 695 3.38 -27.01 -4.86
C LEU A 695 3.60 -26.90 -6.34
N TYR A 696 4.80 -27.29 -6.78
CA TYR A 696 5.19 -27.21 -8.18
C TYR A 696 5.39 -28.58 -8.78
N LEU A 697 5.52 -28.62 -10.09
CA LEU A 697 5.96 -29.81 -10.78
C LEU A 697 7.42 -29.56 -11.20
N GLU A 698 8.25 -30.60 -11.11
CA GLU A 698 9.68 -30.48 -11.39
C GLU A 698 10.17 -31.42 -12.46
N TRP A 699 11.11 -30.95 -13.26
CA TRP A 699 11.80 -31.80 -14.22
C TRP A 699 13.27 -31.55 -13.99
N LYS A 700 14.08 -32.60 -13.99
CA LYS A 700 15.51 -32.44 -13.96
C LYS A 700 15.96 -32.52 -15.38
N VAL A 701 16.40 -31.40 -15.90
CA VAL A 701 16.71 -31.29 -17.30
C VAL A 701 18.21 -31.09 -17.54
N ALA A 702 18.77 -31.96 -18.37
CA ALA A 702 20.12 -31.79 -18.85
C ALA A 702 20.13 -30.60 -19.78
N TYR A 703 21.15 -29.75 -19.61
CA TYR A 703 21.10 -28.45 -20.24
C TYR A 703 21.41 -28.56 -21.72
N GLN A 704 20.39 -28.44 -22.52
N GLN A 704 20.38 -28.51 -22.54
CA GLN A 704 20.56 -28.22 -23.91
CA GLN A 704 20.53 -28.19 -23.93
C GLN A 704 19.91 -26.89 -24.19
C GLN A 704 19.90 -26.85 -24.14
N PRO A 705 20.66 -25.93 -24.71
CA PRO A 705 20.21 -24.60 -25.12
C PRO A 705 19.10 -24.67 -26.14
N GLY A 706 18.18 -23.72 -26.08
CA GLY A 706 17.03 -23.75 -26.96
C GLY A 706 15.79 -23.26 -26.25
N THR A 707 14.68 -23.95 -26.42
CA THR A 707 13.44 -23.53 -25.85
C THR A 707 12.84 -24.58 -24.94
N LEU A 708 12.45 -24.17 -23.73
CA LEU A 708 11.59 -24.97 -22.86
C LEU A 708 10.20 -24.42 -22.98
N GLU A 709 9.24 -25.30 -23.18
CA GLU A 709 7.86 -24.87 -23.32
C GLU A 709 7.01 -25.77 -22.47
N ALA A 710 6.06 -25.20 -21.75
CA ALA A 710 5.19 -25.98 -20.88
C ALA A 710 3.75 -25.89 -21.32
N ILE A 711 3.12 -27.05 -21.48
CA ILE A 711 1.70 -27.13 -21.86
C ILE A 711 0.90 -27.56 -20.65
N ALA A 712 -0.02 -26.69 -20.27
CA ALA A 712 -0.89 -26.94 -19.15
C ALA A 712 -2.28 -27.34 -19.64
N ARG A 713 -2.84 -28.38 -19.02
CA ARG A 713 -4.09 -28.97 -19.47
C ARG A 713 -5.11 -29.21 -18.35
N ASP A 714 -6.38 -29.14 -18.73
CA ASP A 714 -7.47 -29.53 -17.83
C ASP A 714 -7.53 -31.03 -17.78
N GLU A 715 -8.46 -31.57 -17.00
CA GLU A 715 -8.56 -33.02 -16.79
C GLU A 715 -8.89 -33.78 -18.06
N SER A 716 -9.65 -33.16 -18.94
CA SER A 716 -9.94 -33.72 -20.26
C SER A 716 -8.69 -33.86 -21.11
N GLY A 717 -7.58 -33.30 -20.69
CA GLY A 717 -6.38 -33.30 -21.51
C GLY A 717 -6.40 -32.18 -22.54
N LYS A 718 -7.19 -31.15 -22.29
CA LYS A 718 -7.26 -30.02 -23.21
C LYS A 718 -6.37 -28.88 -22.74
N GLU A 719 -5.58 -28.33 -23.66
CA GLU A 719 -4.65 -27.25 -23.31
C GLU A 719 -5.40 -26.00 -22.84
N ILE A 720 -5.00 -25.50 -21.68
CA ILE A 720 -5.59 -24.28 -21.11
C ILE A 720 -4.56 -23.15 -20.91
N ALA A 721 -3.27 -23.49 -20.90
CA ALA A 721 -2.21 -22.50 -20.69
C ALA A 721 -0.87 -23.01 -21.23
N ARG A 722 0.06 -22.18 -21.74
CA ARG A 722 1.47 -22.38 -22.07
C ARG A 722 2.35 -21.38 -21.36
N ASP A 723 3.58 -21.75 -21.19
CA ASP A 723 4.65 -20.82 -20.92
C ASP A 723 5.87 -21.34 -21.65
N LYS A 724 6.88 -20.56 -21.71
CA LYS A 724 7.93 -20.87 -22.66
C LYS A 724 9.18 -20.16 -22.24
N ILE A 725 10.34 -20.68 -22.16
CA ILE A 725 11.55 -19.94 -21.89
C ILE A 725 12.58 -20.31 -22.94
N THR A 726 13.33 -19.31 -23.38
CA THR A 726 14.23 -19.45 -24.50
C THR A 726 15.62 -18.96 -24.15
N THR A 727 16.62 -19.71 -24.60
CA THR A 727 18.01 -19.32 -24.41
C THR A 727 18.31 -18.09 -25.23
N ALA A 728 18.84 -17.07 -24.58
CA ALA A 728 19.25 -15.84 -25.26
C ALA A 728 20.71 -15.86 -25.73
N GLY A 729 20.97 -15.11 -26.81
CA GLY A 729 22.30 -14.83 -27.30
C GLY A 729 22.85 -13.60 -26.61
N LYS A 730 23.93 -13.07 -27.17
CA LYS A 730 24.55 -11.89 -26.62
C LYS A 730 23.64 -10.66 -26.78
N PRO A 731 23.69 -9.72 -25.82
CA PRO A 731 22.88 -8.53 -25.93
C PRO A 731 23.08 -7.86 -27.29
N ALA A 732 21.98 -7.53 -27.95
CA ALA A 732 22.01 -6.80 -29.21
C ALA A 732 21.27 -5.45 -29.17
N ALA A 733 20.33 -5.26 -28.24
CA ALA A 733 19.47 -4.10 -28.29
C ALA A 733 18.77 -3.82 -26.97
N VAL A 734 18.19 -2.63 -26.85
CA VAL A 734 17.34 -2.32 -25.73
C VAL A 734 15.90 -2.29 -26.24
N ARG A 735 15.01 -2.99 -25.56
CA ARG A 735 13.59 -2.97 -25.91
C ARG A 735 12.77 -2.28 -24.81
N LEU A 736 11.89 -1.40 -25.22
CA LEU A 736 11.06 -0.67 -24.30
C LEU A 736 9.65 -1.21 -24.42
N ILE A 737 9.03 -1.47 -23.28
CA ILE A 737 7.72 -2.07 -23.23
C ILE A 737 6.76 -1.16 -22.48
N LYS A 738 5.74 -0.70 -23.19
CA LYS A 738 4.72 0.17 -22.63
C LYS A 738 3.67 -0.57 -21.84
N GLU A 739 3.40 -0.13 -20.63
CA GLU A 739 2.19 -0.56 -19.94
C GLU A 739 0.92 0.13 -20.46
N ASP A 740 1.02 1.42 -20.81
CA ASP A 740 -0.12 2.22 -21.25
C ASP A 740 0.14 2.81 -22.61
N HIS A 741 -0.86 2.73 -23.50
CA HIS A 741 -0.79 3.46 -24.77
C HIS A 741 -1.00 4.94 -24.60
N ALA A 742 -1.78 5.30 -23.60
CA ALA A 742 -2.02 6.68 -23.29
C ALA A 742 -2.31 6.85 -21.81
N ILE A 743 -1.99 8.03 -21.31
CA ILE A 743 -2.38 8.38 -19.95
C ILE A 743 -3.06 9.75 -19.96
N ALA A 744 -3.60 10.14 -18.81
CA ALA A 744 -4.27 11.41 -18.69
C ALA A 744 -3.25 12.55 -18.62
N ALA A 745 -3.64 13.71 -19.16
CA ALA A 745 -2.83 14.92 -19.13
C ALA A 745 -3.20 15.83 -17.97
N ASP A 746 -3.08 15.31 -16.75
CA ASP A 746 -3.47 16.05 -15.56
C ASP A 746 -2.31 16.41 -14.65
N GLY A 747 -1.09 16.03 -15.04
CA GLY A 747 0.09 16.24 -14.21
C GLY A 747 0.18 15.33 -13.00
N LYS A 748 -0.66 14.31 -12.92
CA LYS A 748 -0.67 13.39 -11.77
C LYS A 748 -0.56 11.95 -12.23
N ASP A 749 -1.16 11.63 -13.38
CA ASP A 749 -1.12 10.30 -13.92
C ASP A 749 0.30 10.01 -14.40
N LEU A 750 0.66 8.74 -14.41
CA LEU A 750 1.97 8.36 -14.89
C LEU A 750 1.92 7.01 -15.60
N THR A 751 3.02 6.64 -16.21
CA THR A 751 3.11 5.37 -16.88
C THR A 751 4.44 4.72 -16.53
N TYR A 752 4.46 3.41 -16.59
CA TYR A 752 5.64 2.64 -16.35
C TYR A 752 6.04 1.98 -17.64
N ILE A 753 7.25 2.25 -18.10
CA ILE A 753 7.80 1.65 -19.30
C ILE A 753 8.99 0.80 -18.90
N TYR A 754 8.95 -0.45 -19.27
CA TYR A 754 10.02 -1.37 -18.93
C TYR A 754 11.06 -1.34 -20.00
N TYR A 755 12.32 -1.52 -19.61
CA TYR A 755 13.39 -1.68 -20.57
C TYR A 755 13.97 -3.05 -20.35
N GLU A 756 14.22 -3.73 -21.46
CA GLU A 756 14.82 -5.04 -21.47
C GLU A 756 16.08 -5.01 -22.31
N ILE A 757 17.03 -5.88 -21.98
CA ILE A 757 18.17 -6.07 -22.84
C ILE A 757 17.89 -7.33 -23.61
N VAL A 758 17.92 -7.24 -24.93
CA VAL A 758 17.50 -8.34 -25.77
C VAL A 758 18.60 -8.73 -26.73
N ASP A 759 18.53 -9.95 -27.22
CA ASP A 759 19.43 -10.41 -28.27
C ASP A 759 18.87 -10.08 -29.67
N SER A 760 19.56 -10.54 -30.69
CA SER A 760 19.14 -10.25 -32.06
C SER A 760 17.80 -10.90 -32.44
N GLN A 761 17.36 -11.90 -31.68
CA GLN A 761 16.06 -12.53 -31.91
C GLN A 761 14.94 -11.97 -31.02
N GLY A 762 15.27 -11.06 -30.12
CA GLY A 762 14.23 -10.50 -29.26
C GLY A 762 14.05 -11.23 -27.93
N ASN A 763 14.94 -12.14 -27.60
CA ASN A 763 14.93 -12.78 -26.30
C ASN A 763 15.57 -11.92 -25.26
N VAL A 764 14.93 -11.81 -24.10
CA VAL A 764 15.51 -11.10 -22.97
C VAL A 764 16.74 -11.84 -22.50
N VAL A 765 17.84 -11.12 -22.37
CA VAL A 765 19.05 -11.67 -21.82
C VAL A 765 18.90 -11.61 -20.31
N PRO A 766 18.74 -12.76 -19.68
CA PRO A 766 18.33 -12.82 -18.29
C PRO A 766 19.43 -12.55 -17.29
N THR A 767 20.64 -12.31 -17.78
CA THR A 767 21.82 -12.07 -16.94
C THR A 767 22.32 -10.63 -17.09
N ALA A 768 21.74 -9.91 -18.03
CA ALA A 768 22.28 -8.66 -18.53
C ALA A 768 22.12 -7.52 -17.55
N ASN A 769 23.22 -6.81 -17.33
CA ASN A 769 23.25 -5.67 -16.42
C ASN A 769 23.63 -4.38 -17.15
N ASN A 770 23.39 -4.33 -18.44
CA ASN A 770 23.81 -3.22 -19.26
C ASN A 770 23.23 -1.90 -18.81
N LEU A 771 24.03 -0.85 -18.92
CA LEU A 771 23.60 0.49 -18.55
C LEU A 771 22.85 1.16 -19.67
N VAL A 772 21.71 1.73 -19.32
CA VAL A 772 20.81 2.29 -20.29
C VAL A 772 20.69 3.77 -20.02
N ARG A 773 20.77 4.57 -21.07
CA ARG A 773 20.58 6.01 -20.96
C ARG A 773 19.27 6.42 -21.60
N PHE A 774 18.54 7.30 -20.92
CA PHE A 774 17.18 7.65 -21.33
C PHE A 774 17.03 9.10 -21.74
N GLN A 775 16.32 9.32 -22.85
CA GLN A 775 15.91 10.65 -23.28
C GLN A 775 14.40 10.77 -23.23
N LEU A 776 13.90 11.91 -22.77
CA LEU A 776 12.46 12.16 -22.87
C LEU A 776 12.13 13.43 -23.66
N HIS A 777 11.23 13.31 -24.62
CA HIS A 777 10.79 14.47 -25.37
C HIS A 777 9.31 14.55 -25.26
N GLY A 778 8.78 15.75 -25.36
CA GLY A 778 7.34 15.96 -25.39
C GLY A 778 6.71 16.19 -24.04
N GLN A 779 5.39 15.97 -23.97
CA GLN A 779 4.58 16.41 -22.81
C GLN A 779 4.65 15.38 -21.69
N GLY A 780 5.82 15.28 -21.09
CA GLY A 780 6.06 14.33 -20.03
C GLY A 780 7.24 14.69 -19.16
N GLN A 781 7.34 14.03 -18.02
CA GLN A 781 8.41 14.24 -17.06
C GLN A 781 8.89 12.91 -16.54
N LEU A 782 10.13 12.58 -16.78
CA LEU A 782 10.73 11.39 -16.18
C LEU A 782 10.72 11.62 -14.69
N VAL A 783 10.26 10.63 -13.95
CA VAL A 783 10.21 10.73 -12.50
C VAL A 783 10.81 9.55 -11.78
N GLY A 784 11.33 8.57 -12.50
CA GLY A 784 12.04 7.51 -11.84
C GLY A 784 12.64 6.48 -12.75
N VAL A 785 13.64 5.77 -12.23
CA VAL A 785 14.25 4.62 -12.88
C VAL A 785 14.57 3.57 -11.81
N ASP A 786 14.44 2.29 -12.13
CA ASP A 786 14.69 1.25 -11.15
C ASP A 786 14.93 -0.07 -11.84
N ASN A 787 15.71 -0.92 -11.18
CA ASN A 787 15.85 -2.31 -11.60
C ASN A 787 15.54 -3.33 -10.50
N GLY A 788 15.22 -2.87 -9.31
CA GLY A 788 14.79 -3.74 -8.23
C GLY A 788 15.92 -4.39 -7.43
N GLU A 789 17.15 -4.22 -7.89
CA GLU A 789 18.25 -4.95 -7.32
C GLU A 789 18.67 -4.35 -6.00
N GLN A 790 18.73 -5.19 -4.98
CA GLN A 790 18.95 -4.79 -3.59
C GLN A 790 20.31 -4.18 -3.37
N ALA A 791 21.31 -4.72 -4.05
CA ALA A 791 22.69 -4.28 -3.88
C ALA A 791 23.08 -3.05 -4.71
N SER A 792 22.17 -2.57 -5.55
CA SER A 792 22.40 -1.38 -6.33
C SER A 792 22.45 -0.15 -5.47
N ARG A 793 23.41 0.72 -5.75
CA ARG A 793 23.45 2.02 -5.08
C ARG A 793 23.20 3.16 -6.06
N GLU A 794 22.48 2.83 -7.13
CA GLU A 794 22.22 3.75 -8.24
C GLU A 794 21.17 4.80 -7.88
N ARG A 795 21.23 5.99 -8.44
N ARG A 795 21.25 6.03 -8.42
CA ARG A 795 20.14 6.91 -8.29
CA ARG A 795 20.16 6.98 -8.27
C ARG A 795 18.91 6.31 -8.97
C ARG A 795 18.94 6.36 -8.95
N TYR A 796 17.80 6.51 -8.28
CA TYR A 796 16.41 6.36 -8.68
C TYR A 796 15.92 7.60 -9.46
N LYS A 797 16.61 8.70 -9.26
CA LYS A 797 16.24 9.97 -9.86
C LYS A 797 17.30 10.36 -10.86
N ALA A 798 17.25 11.59 -11.33
CA ALA A 798 18.22 12.07 -12.29
C ALA A 798 19.61 12.19 -11.70
N GLN A 799 20.60 12.17 -12.57
CA GLN A 799 21.95 12.38 -12.14
C GLN A 799 22.17 13.87 -11.88
N ALA A 800 23.34 14.20 -11.34
CA ALA A 800 23.69 15.60 -11.01
C ALA A 800 23.77 16.50 -12.22
N ASP A 801 24.04 15.93 -13.38
CA ASP A 801 24.01 16.68 -14.61
C ASP A 801 22.67 16.63 -15.31
N GLY A 802 21.63 16.06 -14.69
CA GLY A 802 20.28 16.07 -15.31
C GLY A 802 19.96 14.89 -16.23
N SER A 803 20.91 13.99 -16.32
CA SER A 803 20.85 12.80 -17.10
C SER A 803 19.92 11.78 -16.43
N TRP A 804 19.34 10.86 -17.21
CA TRP A 804 18.64 9.72 -16.61
C TRP A 804 19.26 8.43 -17.11
N ILE A 805 19.88 7.71 -16.20
CA ILE A 805 20.52 6.44 -16.54
C ILE A 805 20.10 5.39 -15.52
N ARG A 806 20.11 4.14 -15.94
CA ARG A 806 19.93 3.04 -15.04
C ARG A 806 20.37 1.77 -15.70
N LYS A 807 20.97 0.89 -14.92
CA LYS A 807 21.30 -0.44 -15.40
C LYS A 807 20.11 -1.37 -15.44
N ALA A 808 20.19 -2.33 -16.34
CA ALA A 808 19.31 -3.46 -16.29
C ALA A 808 19.82 -4.29 -15.15
N PHE A 809 18.93 -5.00 -14.46
CA PHE A 809 19.33 -6.06 -13.58
C PHE A 809 18.65 -7.33 -14.02
N ASN A 810 19.43 -8.36 -14.30
CA ASN A 810 18.91 -9.60 -14.87
C ASN A 810 18.00 -9.36 -16.06
N GLY A 811 18.42 -8.46 -16.95
CA GLY A 811 17.74 -8.19 -18.21
C GLY A 811 16.72 -7.09 -18.24
N LYS A 812 16.33 -6.56 -17.09
CA LYS A 812 15.14 -5.72 -17.03
C LYS A 812 15.26 -4.55 -16.12
N GLY A 813 14.41 -3.56 -16.35
CA GLY A 813 14.24 -2.48 -15.41
C GLY A 813 13.01 -1.70 -15.77
N VAL A 814 12.73 -0.61 -15.06
CA VAL A 814 11.58 0.22 -15.39
C VAL A 814 11.96 1.70 -15.38
N ALA A 815 11.24 2.49 -16.17
CA ALA A 815 11.31 3.92 -16.11
C ALA A 815 9.91 4.48 -15.90
N ILE A 816 9.79 5.58 -15.17
CA ILE A 816 8.49 6.10 -14.81
C ILE A 816 8.32 7.52 -15.32
N VAL A 817 7.27 7.76 -16.08
CA VAL A 817 7.04 9.07 -16.70
C VAL A 817 5.73 9.63 -16.19
N LYS A 818 5.74 10.87 -15.75
CA LYS A 818 4.53 11.51 -15.30
C LYS A 818 4.09 12.45 -16.40
N SER A 819 2.78 12.63 -16.47
CA SER A 819 2.18 13.49 -17.46
C SER A 819 2.35 14.94 -17.07
N THR A 820 2.10 15.85 -18.01
CA THR A 820 1.99 17.26 -17.72
C THR A 820 0.54 17.60 -17.88
N GLU A 821 0.20 18.88 -17.77
CA GLU A 821 -1.19 19.27 -17.90
C GLU A 821 -1.55 19.61 -19.32
N GLN A 822 -0.62 19.39 -20.24
CA GLN A 822 -0.86 19.66 -21.65
C GLN A 822 -1.03 18.33 -22.37
N ALA A 823 -2.05 18.26 -23.20
CA ALA A 823 -2.27 17.08 -24.00
C ALA A 823 -1.19 17.01 -25.07
N GLY A 824 -1.01 15.83 -25.65
CA GLY A 824 0.00 15.62 -26.70
C GLY A 824 0.57 14.24 -26.56
N LYS A 825 1.89 14.15 -26.47
CA LYS A 825 2.57 12.86 -26.37
C LYS A 825 3.94 13.03 -25.83
N PHE A 826 4.53 11.94 -25.37
CA PHE A 826 5.92 11.96 -25.00
C PHE A 826 6.56 10.73 -25.57
N THR A 827 7.86 10.81 -25.76
CA THR A 827 8.60 9.73 -26.36
C THR A 827 9.79 9.44 -25.47
N LEU A 828 9.98 8.16 -25.17
CA LEU A 828 11.10 7.73 -24.39
C LEU A 828 12.07 6.97 -25.30
N THR A 829 13.30 7.45 -25.42
CA THR A 829 14.33 6.78 -26.19
C THR A 829 15.32 6.17 -25.20
N ALA A 830 15.75 4.96 -25.50
CA ALA A 830 16.70 4.28 -24.65
C ALA A 830 17.94 3.93 -25.44
N HIS A 831 19.09 4.12 -24.84
CA HIS A 831 20.36 3.83 -25.47
C HIS A 831 21.20 2.98 -24.55
N SER A 832 21.98 2.08 -25.11
CA SER A 832 22.99 1.38 -24.37
C SER A 832 24.18 1.19 -25.29
N ASP A 833 25.35 1.09 -24.70
CA ASP A 833 26.60 1.10 -25.43
C ASP A 833 26.79 -0.10 -26.35
N LEU A 834 26.90 0.16 -27.65
CA LEU A 834 27.04 -0.88 -28.69
C LEU A 834 25.79 -1.75 -28.92
N LEU A 835 24.65 -1.31 -28.40
CA LEU A 835 23.40 -2.00 -28.58
C LEU A 835 22.50 -1.12 -29.46
N LYS A 836 21.50 -1.66 -30.15
N LYS A 836 21.52 -1.69 -30.15
CA LYS A 836 20.52 -0.80 -30.78
CA LYS A 836 20.47 -0.93 -30.82
C LYS A 836 19.63 -0.18 -29.74
C LYS A 836 19.61 -0.22 -29.76
N SER A 837 19.26 1.04 -30.04
CA SER A 837 18.37 1.89 -29.29
C SER A 837 16.91 1.61 -29.63
N ASN A 838 16.02 2.07 -28.75
CA ASN A 838 14.60 2.00 -28.99
C ASN A 838 13.86 3.18 -28.40
N GLN A 839 12.72 3.49 -28.90
CA GLN A 839 11.76 4.46 -28.43
C GLN A 839 10.35 3.92 -28.53
N VAL A 840 9.53 4.37 -27.59
CA VAL A 840 8.12 4.17 -27.60
C VAL A 840 7.53 5.54 -27.38
N THR A 841 6.30 5.73 -27.86
CA THR A 841 5.58 6.97 -27.69
C THR A 841 4.32 6.69 -26.92
N VAL A 842 4.01 7.55 -25.96
CA VAL A 842 2.80 7.43 -25.17
C VAL A 842 1.99 8.69 -25.33
N PHE A 843 0.69 8.55 -25.57
CA PHE A 843 -0.16 9.72 -25.75
C PHE A 843 -0.73 10.22 -24.44
N THR A 844 -0.86 11.54 -24.33
CA THR A 844 -1.48 12.13 -23.14
C THR A 844 -2.68 12.97 -23.53
N GLY A 845 -3.76 12.86 -22.77
CA GLY A 845 -4.95 13.59 -23.14
C GLY A 845 -6.12 13.39 -22.22
N LYS A 846 -7.29 13.15 -22.80
CA LYS A 846 -8.52 12.99 -22.04
C LYS A 846 -8.40 11.78 -21.12
N LYS A 847 -9.24 11.73 -20.09
CA LYS A 847 -9.17 10.71 -19.05
C LYS A 847 -10.32 9.67 -19.09
N GLU A 848 -9.96 8.38 -19.07
CA GLU A 848 -10.93 7.31 -18.87
C GLU A 848 -12.02 7.35 -19.93
C1 EDO B . 24.74 -14.42 -30.91
O1 EDO B . 25.28 -14.65 -29.61
C2 EDO B . 23.41 -15.12 -31.05
O2 EDO B . 22.39 -14.16 -30.74
C1 EDO C . 28.99 -0.03 10.74
O1 EDO C . 28.31 1.03 11.48
C2 EDO C . 28.18 -1.33 10.75
O2 EDO C . 28.88 -2.39 10.07
C1 EDO D . 23.05 15.52 4.99
O1 EDO D . 24.48 15.28 4.90
C2 EDO D . 22.48 16.03 3.67
O2 EDO D . 21.92 14.90 3.01
C1 EDO E . -6.65 16.38 12.78
O1 EDO E . -5.91 15.12 12.87
C2 EDO E . -8.09 16.22 12.24
O2 EDO E . -8.25 15.61 10.93
C1 EDO F . -9.28 18.82 -7.72
O1 EDO F . -8.45 18.62 -8.89
C2 EDO F . -9.65 20.29 -7.54
O2 EDO F . -9.09 21.10 -8.58
C1 EDO G . 10.94 -12.60 -22.96
O1 EDO G . 11.91 -12.90 -24.00
C2 EDO G . 11.30 -13.24 -21.58
O2 EDO G . 10.73 -12.52 -20.44
C1 EDO H . 8.22 -6.88 -18.84
O1 EDO H . 9.45 -7.04 -19.56
C2 EDO H . 8.59 -7.03 -17.39
O2 EDO H . 7.41 -7.30 -16.61
C1 EDO I . 0.51 -8.35 22.28
O1 EDO I . 1.36 -8.12 23.41
C2 EDO I . -0.33 -9.62 22.41
O2 EDO I . -1.46 -9.53 21.54
C1 EDO J . -20.47 1.43 5.80
O1 EDO J . -20.22 2.53 6.66
C2 EDO J . -19.20 0.66 5.49
O2 EDO J . -18.84 0.88 4.12
C1 EDO K . 25.47 4.65 -24.79
O1 EDO K . 25.99 4.38 -23.45
C2 EDO K . 26.20 5.77 -25.57
O2 EDO K . 25.82 7.12 -25.19
C1 EDO L . 15.31 -15.04 16.00
O1 EDO L . 15.48 -15.45 17.36
C2 EDO L . 15.83 -16.09 14.99
O2 EDO L . 15.16 -17.34 15.17
C1 EDO M . 12.17 -19.67 20.46
O1 EDO M . 13.03 -19.26 19.38
C2 EDO M . 12.90 -20.36 21.61
O2 EDO M . 12.76 -19.55 22.78
C1 EDO N . -17.16 -6.69 14.41
O1 EDO N . -18.33 -7.46 14.58
C2 EDO N . -16.04 -7.17 15.32
O2 EDO N . -16.21 -6.50 16.56
C1 EDO O . -20.19 -6.66 9.71
O1 EDO O . -21.49 -7.20 9.41
C2 EDO O . -20.30 -5.19 10.09
O2 EDO O . -20.38 -5.11 11.51
C1 EDO P . 28.71 -10.63 3.88
O1 EDO P . 27.96 -11.12 2.73
C2 EDO P . 29.90 -9.72 3.54
O2 EDO P . 29.60 -8.37 3.86
C1 EDO Q . 6.37 8.58 12.78
O1 EDO Q . 5.06 8.79 13.36
C2 EDO Q . 7.36 7.90 13.71
O2 EDO Q . 7.12 6.49 13.70
C1 EDO R . -26.23 17.35 20.78
O1 EDO R . -27.13 18.29 20.17
C2 EDO R . -25.50 16.52 19.74
O2 EDO R . -25.96 15.17 19.83
C1 EDO S . -11.82 16.22 14.13
O1 EDO S . -12.38 17.44 13.56
C2 EDO S . -10.82 16.47 15.27
O2 EDO S . -11.38 16.41 16.60
C1 EDO T . -1.36 -7.11 36.55
O1 EDO T . -1.90 -6.56 35.32
C2 EDO T . 0.13 -6.80 36.68
O2 EDO T . 1.01 -7.94 36.50
C1 EDO U . 10.26 -14.21 -12.05
O1 EDO U . 9.33 -13.78 -13.07
C2 EDO U . 11.56 -13.42 -11.92
O2 EDO U . 12.53 -13.82 -12.90
C1 EDO V . -16.17 -8.73 -12.11
O1 EDO V . -16.77 -7.47 -11.69
C2 EDO V . -14.66 -8.62 -12.35
O2 EDO V . -14.04 -9.88 -12.05
C1 EDO W . 9.76 -24.13 7.99
O1 EDO W . 9.87 -23.40 9.24
C2 EDO W . 9.28 -25.58 8.12
O2 EDO W . 7.89 -25.61 8.48
C1 EDO X . -14.15 -19.61 -8.20
O1 EDO X . -13.30 -18.47 -7.95
C2 EDO X . -14.70 -19.60 -9.65
O2 EDO X . -14.41 -20.86 -10.27
C1 EDO Y . -5.49 4.87 -14.21
O1 EDO Y . -5.36 6.05 -13.36
C2 EDO Y . -5.99 3.64 -13.42
O2 EDO Y . -7.37 3.78 -13.04
C1 EDO Z . 22.16 -1.25 15.14
O1 EDO Z . 21.10 -2.21 15.33
C2 EDO Z . 21.84 0.02 15.93
O2 EDO Z . 20.83 -0.36 16.87
C1 EDO AA . -6.56 -37.38 -0.49
O1 EDO AA . -7.32 -37.53 -1.71
C2 EDO AA . -7.30 -36.45 0.45
O2 EDO AA . -6.49 -36.35 1.61
C1 EDO BA . -12.51 7.80 2.63
O1 EDO BA . -11.91 9.07 2.92
C2 EDO BA . -11.78 6.79 3.50
O2 EDO BA . -11.18 5.82 2.63
C1 EDO CA . 8.67 -9.42 29.88
O1 EDO CA . 9.85 -8.65 30.13
C2 EDO CA . 8.46 -9.38 28.37
O2 EDO CA . 9.17 -8.24 27.82
C1 EDO DA . 5.25 -12.89 32.17
O1 EDO DA . 4.27 -13.21 33.19
C2 EDO DA . 5.65 -14.08 31.30
O2 EDO DA . 6.52 -13.51 30.33
C1 EDO EA . 13.23 4.15 22.30
O1 EDO EA . 13.84 5.39 22.66
C2 EDO EA . 14.26 3.03 22.24
O2 EDO EA . 15.18 3.38 21.17
C1 EDO FA . 16.84 28.27 11.85
O1 EDO FA . 16.27 29.56 12.12
C2 EDO FA . 16.57 27.28 13.00
O2 EDO FA . 15.80 27.90 14.07
C1 EDO GA . 23.19 -22.17 3.44
O1 EDO GA . 23.93 -21.36 2.50
C2 EDO GA . 23.95 -22.25 4.75
O2 EDO GA . 24.30 -23.63 4.91
C1 EDO HA . -15.58 16.61 19.47
O1 EDO HA . -14.95 15.37 19.12
C2 EDO HA . -14.81 17.70 18.76
O2 EDO HA . -13.79 17.10 17.94
C1 EDO IA . 6.93 20.03 -9.67
O1 EDO IA . 6.31 18.77 -9.94
C2 EDO IA . 8.36 19.70 -9.40
O2 EDO IA . 8.43 18.27 -9.52
C1 EDO JA . 2.32 16.55 28.77
O1 EDO JA . 3.42 16.99 27.96
C2 EDO JA . 2.62 15.14 29.25
O2 EDO JA . 4.06 14.99 29.28
C1 EDO KA . 9.54 -11.19 13.89
O1 EDO KA . 9.83 -11.92 15.10
C2 EDO KA . 10.50 -10.03 13.66
O2 EDO KA . 11.78 -10.32 14.28
C1 EDO LA . -14.46 21.09 7.48
O1 EDO LA . -13.57 22.17 7.87
C2 EDO LA . -13.71 19.93 6.82
O2 EDO LA . -14.53 18.74 6.81
C1 EDO MA . 21.17 29.04 1.12
O1 EDO MA . 21.59 29.72 2.32
C2 EDO MA . 22.16 29.22 -0.06
O2 EDO MA . 22.20 28.00 -0.82
S SO4 NA . -14.41 14.81 5.12
O1 SO4 NA . -13.52 13.93 5.92
O2 SO4 NA . -14.88 14.07 3.95
O3 SO4 NA . -13.77 16.05 4.68
O4 SO4 NA . -15.58 15.13 5.94
S SO4 OA . 12.44 -36.06 -14.18
O1 SO4 OA . 13.52 -36.18 -13.14
O2 SO4 OA . 12.05 -37.36 -14.77
O3 SO4 OA . 12.93 -35.20 -15.29
O4 SO4 OA . 11.23 -35.48 -13.55
S SO4 PA . -3.07 27.32 -6.09
O1 SO4 PA . -1.80 26.88 -5.47
O2 SO4 PA . -3.61 26.20 -6.90
O3 SO4 PA . -2.74 28.40 -7.05
O4 SO4 PA . -4.02 27.67 -5.00
S SO4 QA . 5.82 3.00 -30.44
O1 SO4 QA . 6.80 1.93 -30.12
O2 SO4 QA . 5.01 2.69 -31.66
O3 SO4 QA . 6.55 4.26 -30.80
O4 SO4 QA . 4.99 3.22 -29.23
S SO4 RA . 14.04 -23.21 12.18
O1 SO4 RA . 14.93 -24.30 12.70
O2 SO4 RA . 13.21 -23.80 11.09
O3 SO4 RA . 14.99 -22.16 11.73
O4 SO4 RA . 13.07 -22.66 13.18
C1 EDO SA . -12.45 0.18 31.20
O1 EDO SA . -12.17 0.27 29.78
C2 EDO SA . -11.42 -0.67 31.97
O2 EDO SA . -11.93 -1.98 32.27
#